data_1AZS
#
_entry.id   1AZS
#
_cell.length_a   119.000
_cell.length_b   134.050
_cell.length_c   70.650
_cell.angle_alpha   90.00
_cell.angle_beta   90.00
_cell.angle_gamma   90.00
#
_symmetry.space_group_name_H-M   'P 21 21 2'
#
loop_
_entity.id
_entity.type
_entity.pdbx_description
1 polymer VC1
2 polymer IIC2
3 polymer GS-ALPHA
4 non-polymer METHYLPIPERAZINOFORSKOLIN
5 non-polymer 'MAGNESIUM ION'
6 non-polymer "5'-GUANOSINE-DIPHOSPHATE-MONOTHIOPHOSPHATE"
7 water water
#
loop_
_entity_poly.entity_id
_entity_poly.type
_entity_poly.pdbx_seq_one_letter_code
_entity_poly.pdbx_strand_id
1 'polypeptide(L)'
;MHHHHHHAMEMKADINAKQEDMMFHKIYIQKHDNVSILFADIEGFTSLASQCTAQELVMTLNELFARFDKLAAENHCLRI
KILGDCYYCVSGLPEARADHAHCCVEMGMDMIEAISLVREMTGVNVNMRVGIHSGRVHCGVLGLRKWQFDVWSNDVTLAN
HMEAGGKAGRIHITKATLSYLNGDYEVEPGCGGERNAYLKEHSIETFLILRCTQKRKEEK
;
A
2 'polypeptide(L)'
;RSLKNEELYHQSYDCVCVMFASIPDFKEFYTESDVNKEGLECLRLLNEIIADFDDLLSKPKFSGVEKIKTIGSTYMAATG
LSAIPSQEHAQEPERQYMHIGTMVEFAYALVGKLDAINKHSFNDFKLRVGINHGPVIAGVIGAQKPQYDIWGNTVNVASR
MDSTGVLDKIQVTEETSLILQTLGYTCTCRGIINVKGKGDLKTYFVNTEMSR
;
B
3 'polypeptide(L)'
;MGCLGNSKTEDQRNEEKAQREANKKIEKQLQKDKQVYRATHRLLLLGAGESGKSTIVKQMRILHVNGFNGEGGEEDPQAA
RSNSDGEKATKVQDIKNNLKEAIETIVAAMSNLVPPVELANPENQFRVDYILSVMNVPDFDFPPEFYEHAKALWEDEGVR
ACYERSNEYQLIDCAQYFLDKIDVIKQDDYVPSDQDLLRCRVLTSGIFETKFQVDKVNFHMFDVGGQRDERRKWIQCFND
VTAIIFVVASSSYNMVIREDNQTNRLQEALNLFKSIWNNRWLRTISVILFLNKQDLLAEKVLAGKSKIEDYFPEFARYTT
PEDATPEPGEDPRVTRAKYFIRDEFLRISTASGDGRHYCYPHFTCAVDTENIRRVFNDCRDIIQRMHLRQYELLGGHHHH
HH
;
C
#
loop_
_chem_comp.id
_chem_comp.type
_chem_comp.name
_chem_comp.formula
FKP non-polymer METHYLPIPERAZINOFORSKOLIN 'C30 H50 N2 O7'
GSP non-polymer 5'-GUANOSINE-DIPHOSPHATE-MONOTHIOPHOSPHATE 'C10 H16 N5 O13 P3 S'
MG non-polymer 'MAGNESIUM ION' 'Mg 2'
#
# COMPACT_ATOMS: atom_id res chain seq x y z
N ASP A 21 -7.93 -17.27 -7.97
CA ASP A 21 -8.79 -18.44 -8.02
C ASP A 21 -10.24 -18.10 -7.62
N MET A 22 -10.47 -17.83 -6.34
CA MET A 22 -11.83 -17.54 -5.88
C MET A 22 -12.17 -16.06 -5.65
N MET A 23 -11.53 -15.40 -4.67
CA MET A 23 -11.84 -14.01 -4.37
C MET A 23 -10.96 -12.95 -5.00
N PHE A 24 -9.70 -13.31 -5.25
CA PHE A 24 -8.84 -12.49 -6.08
C PHE A 24 -8.75 -13.22 -7.40
N HIS A 25 -8.79 -12.48 -8.51
CA HIS A 25 -8.58 -13.09 -9.81
C HIS A 25 -7.24 -13.83 -9.77
N LYS A 26 -7.20 -14.98 -10.44
CA LYS A 26 -5.97 -15.76 -10.53
C LYS A 26 -4.85 -14.90 -11.11
N ILE A 27 -3.68 -14.90 -10.48
CA ILE A 27 -2.53 -14.18 -11.02
C ILE A 27 -1.61 -15.10 -11.84
N TYR A 28 -1.17 -14.59 -12.98
CA TYR A 28 -0.24 -15.32 -13.83
C TYR A 28 1.11 -14.63 -13.71
N ILE A 29 1.76 -14.86 -12.57
CA ILE A 29 3.02 -14.22 -12.23
C ILE A 29 3.82 -15.18 -11.36
N GLN A 30 5.14 -15.11 -11.47
CA GLN A 30 6.01 -15.99 -10.70
C GLN A 30 7.38 -15.35 -10.47
N LYS A 31 7.93 -15.57 -9.28
CA LYS A 31 9.24 -15.04 -8.92
C LYS A 31 10.38 -15.80 -9.60
N HIS A 32 11.45 -15.08 -9.93
CA HIS A 32 12.63 -15.65 -10.57
C HIS A 32 13.85 -14.91 -10.05
N ASP A 33 14.85 -15.65 -9.59
CA ASP A 33 16.11 -15.03 -9.13
C ASP A 33 17.21 -15.17 -10.19
N ASN A 34 18.32 -14.50 -9.96
CA ASN A 34 19.49 -14.60 -10.83
C ASN A 34 19.26 -14.25 -12.30
N VAL A 35 18.58 -13.14 -12.56
CA VAL A 35 18.34 -12.71 -13.93
C VAL A 35 19.03 -11.36 -14.13
N SER A 36 19.22 -10.96 -15.39
CA SER A 36 19.84 -9.68 -15.68
C SER A 36 19.00 -8.91 -16.66
N ILE A 37 18.68 -7.67 -16.29
CA ILE A 37 17.73 -6.82 -17.02
C ILE A 37 18.39 -5.68 -17.80
N LEU A 38 18.13 -5.66 -19.11
CA LEU A 38 18.70 -4.64 -19.99
C LEU A 38 17.66 -3.61 -20.44
N PHE A 39 18.07 -2.35 -20.47
CA PHE A 39 17.23 -1.25 -20.93
C PHE A 39 18.03 -0.41 -21.92
N ALA A 40 17.40 -0.01 -23.01
CA ALA A 40 18.07 0.81 -24.00
C ALA A 40 17.13 1.86 -24.57
N ASP A 41 17.65 3.07 -24.76
CA ASP A 41 16.90 4.19 -25.33
C ASP A 41 17.64 4.70 -26.57
N ILE A 42 16.95 5.46 -27.41
CA ILE A 42 17.60 6.06 -28.55
C ILE A 42 18.00 7.51 -28.32
N GLU A 43 19.32 7.69 -28.24
CA GLU A 43 19.96 8.98 -28.09
C GLU A 43 19.70 9.82 -29.33
N GLY A 44 19.14 11.01 -29.11
CA GLY A 44 18.84 11.89 -30.22
C GLY A 44 17.69 11.39 -31.07
N PHE A 45 16.78 10.62 -30.46
CA PHE A 45 15.63 10.10 -31.17
C PHE A 45 14.73 11.22 -31.68
N THR A 46 14.61 12.30 -30.90
CA THR A 46 13.72 13.40 -31.25
C THR A 46 14.19 14.19 -32.47
N SER A 47 15.51 14.32 -32.63
CA SER A 47 16.08 15.03 -33.77
C SER A 47 15.87 14.23 -35.06
N LEU A 48 15.84 12.91 -34.91
CA LEU A 48 15.56 11.98 -36.02
C LEU A 48 14.12 12.15 -36.47
N ALA A 49 13.20 12.23 -35.50
CA ALA A 49 11.78 12.44 -35.77
C ALA A 49 11.50 13.79 -36.45
N SER A 50 12.42 14.73 -36.28
CA SER A 50 12.32 16.07 -36.87
C SER A 50 12.58 16.02 -38.38
N GLN A 51 13.49 15.14 -38.77
CA GLN A 51 13.96 15.05 -40.14
C GLN A 51 13.05 14.34 -41.12
N CYS A 52 12.48 13.21 -40.70
CA CYS A 52 11.73 12.38 -41.61
C CYS A 52 10.21 12.49 -41.48
N THR A 53 9.52 11.86 -42.42
CA THR A 53 8.07 11.82 -42.44
C THR A 53 7.58 10.96 -41.27
N ALA A 54 6.31 11.09 -40.92
CA ALA A 54 5.75 10.30 -39.82
C ALA A 54 5.86 8.81 -40.14
N GLN A 55 5.65 8.47 -41.41
CA GLN A 55 5.68 7.08 -41.87
C GLN A 55 7.07 6.48 -41.92
N GLU A 56 7.98 7.18 -42.58
CA GLU A 56 9.38 6.75 -42.69
C GLU A 56 10.02 6.51 -41.32
N LEU A 57 9.55 7.25 -40.33
CA LEU A 57 10.01 7.11 -38.96
C LEU A 57 9.63 5.74 -38.40
N VAL A 58 8.39 5.35 -38.63
CA VAL A 58 7.86 4.08 -38.13
C VAL A 58 8.54 2.89 -38.77
N MET A 59 9.08 3.07 -39.98
CA MET A 59 9.75 1.98 -40.68
C MET A 59 11.18 1.79 -40.24
N THR A 60 11.87 2.90 -39.99
CA THR A 60 13.24 2.88 -39.48
C THR A 60 13.21 2.24 -38.10
N LEU A 61 12.21 2.66 -37.33
CA LEU A 61 11.97 2.18 -35.97
C LEU A 61 11.62 0.69 -36.01
N ASN A 62 10.57 0.37 -36.76
CA ASN A 62 10.05 -0.99 -36.88
C ASN A 62 11.12 -1.94 -37.38
N GLU A 63 11.97 -1.44 -38.28
CA GLU A 63 13.03 -2.23 -38.85
C GLU A 63 14.16 -2.48 -37.87
N LEU A 64 14.58 -1.43 -37.18
CA LEU A 64 15.64 -1.54 -36.18
C LEU A 64 15.24 -2.53 -35.09
N PHE A 65 14.00 -2.46 -34.65
CA PHE A 65 13.50 -3.36 -33.61
C PHE A 65 13.32 -4.80 -34.07
N ALA A 66 13.03 -4.98 -35.36
CA ALA A 66 12.94 -6.31 -35.93
C ALA A 66 14.34 -6.96 -35.87
N ARG A 67 15.35 -6.13 -36.08
CA ARG A 67 16.74 -6.57 -36.02
C ARG A 67 17.13 -6.94 -34.59
N PHE A 68 16.78 -6.08 -33.64
CA PHE A 68 17.06 -6.31 -32.23
C PHE A 68 16.49 -7.63 -31.75
N ASP A 69 15.29 -7.96 -32.22
CA ASP A 69 14.62 -9.21 -31.85
C ASP A 69 15.41 -10.44 -32.25
N LYS A 70 16.18 -10.34 -33.34
CA LYS A 70 17.04 -11.43 -33.81
C LYS A 70 18.20 -11.62 -32.84
N LEU A 71 18.92 -10.52 -32.58
CA LEU A 71 20.06 -10.50 -31.66
C LEU A 71 19.65 -11.09 -30.31
N ALA A 72 18.40 -10.84 -29.93
CA ALA A 72 17.85 -11.33 -28.67
C ALA A 72 17.87 -12.86 -28.62
N ALA A 73 17.38 -13.49 -29.68
CA ALA A 73 17.34 -14.95 -29.78
C ALA A 73 18.75 -15.54 -29.80
N GLU A 74 19.65 -14.87 -30.52
CA GLU A 74 21.05 -15.29 -30.60
C GLU A 74 21.71 -15.19 -29.24
N ASN A 75 21.66 -13.99 -28.65
CA ASN A 75 22.29 -13.72 -27.37
C ASN A 75 21.58 -14.31 -26.17
N HIS A 76 20.44 -14.96 -26.39
CA HIS A 76 19.68 -15.63 -25.33
C HIS A 76 18.94 -14.71 -24.35
N CYS A 77 18.55 -13.53 -24.83
CA CYS A 77 17.74 -12.60 -24.04
C CYS A 77 16.29 -12.78 -24.47
N LEU A 78 15.38 -12.76 -23.50
CA LEU A 78 13.96 -12.76 -23.81
C LEU A 78 13.52 -11.32 -23.91
N ARG A 79 13.08 -10.90 -25.09
CA ARG A 79 12.60 -9.54 -25.30
C ARG A 79 11.28 -9.35 -24.55
N ILE A 80 11.18 -8.26 -23.80
CA ILE A 80 9.97 -7.98 -23.05
C ILE A 80 9.02 -7.09 -23.86
N LYS A 81 9.32 -5.79 -23.93
CA LYS A 81 8.45 -4.85 -24.64
C LYS A 81 9.20 -3.78 -25.42
N ILE A 82 8.46 -3.10 -26.29
CA ILE A 82 8.95 -1.92 -26.97
C ILE A 82 8.01 -0.75 -26.60
N LEU A 83 8.56 0.24 -25.89
CA LEU A 83 7.80 1.41 -25.47
C LEU A 83 8.36 2.65 -26.17
N GLY A 84 7.83 2.97 -27.34
CA GLY A 84 8.32 4.09 -28.11
C GLY A 84 9.69 3.79 -28.66
N ASP A 85 10.70 4.50 -28.16
CA ASP A 85 12.10 4.26 -28.55
C ASP A 85 12.89 3.50 -27.47
N CYS A 86 12.17 3.05 -26.44
CA CYS A 86 12.74 2.30 -25.32
C CYS A 86 12.53 0.79 -25.48
N TYR A 87 13.64 0.06 -25.59
CA TYR A 87 13.60 -1.39 -25.80
C TYR A 87 14.18 -2.07 -24.56
N TYR A 88 13.58 -3.17 -24.14
CA TYR A 88 14.11 -3.93 -23.01
C TYR A 88 13.83 -5.43 -23.01
N CYS A 89 14.81 -6.18 -22.53
CA CYS A 89 14.76 -7.63 -22.50
C CYS A 89 15.44 -8.12 -21.23
N VAL A 90 15.54 -9.42 -21.08
CA VAL A 90 16.16 -9.99 -19.89
C VAL A 90 16.62 -11.41 -20.14
N SER A 91 17.88 -11.66 -19.81
CA SER A 91 18.43 -13.00 -19.93
C SER A 91 18.28 -13.72 -18.59
N GLY A 92 18.04 -15.03 -18.66
CA GLY A 92 17.79 -15.79 -17.46
C GLY A 92 16.34 -16.26 -17.49
N LEU A 93 15.65 -15.84 -18.54
CA LEU A 93 14.26 -16.23 -18.75
C LEU A 93 14.17 -16.83 -20.14
N PRO A 94 13.23 -17.77 -20.35
CA PRO A 94 12.27 -18.30 -19.35
C PRO A 94 12.92 -19.19 -18.30
N GLU A 95 13.95 -19.90 -18.73
CA GLU A 95 14.65 -20.84 -17.87
C GLU A 95 16.02 -20.30 -17.49
N ALA A 96 16.47 -20.68 -16.30
CA ALA A 96 17.70 -20.17 -15.69
C ALA A 96 19.01 -20.51 -16.41
N ARG A 97 19.86 -19.51 -16.55
CA ARG A 97 21.17 -19.65 -17.19
C ARG A 97 22.26 -19.01 -16.34
N ALA A 98 23.47 -19.56 -16.42
CA ALA A 98 24.62 -19.00 -15.70
C ALA A 98 25.13 -17.75 -16.41
N ASP A 99 25.17 -17.83 -17.74
CA ASP A 99 25.66 -16.75 -18.59
C ASP A 99 24.84 -15.47 -18.59
N HIS A 100 23.73 -15.47 -17.84
CA HIS A 100 22.77 -14.37 -17.91
C HIS A 100 23.35 -12.96 -17.97
N ALA A 101 24.44 -12.73 -17.24
CA ALA A 101 25.09 -11.42 -17.28
C ALA A 101 25.79 -11.19 -18.61
N HIS A 102 26.55 -12.18 -19.09
CA HIS A 102 27.32 -12.07 -20.33
C HIS A 102 26.42 -11.87 -21.54
N CYS A 103 25.27 -12.52 -21.51
CA CYS A 103 24.30 -12.42 -22.60
C CYS A 103 23.87 -10.97 -22.81
N CYS A 104 23.32 -10.35 -21.77
CA CYS A 104 22.88 -8.97 -21.82
C CYS A 104 23.98 -8.00 -22.28
N VAL A 105 25.19 -8.21 -21.79
CA VAL A 105 26.32 -7.37 -22.20
C VAL A 105 26.51 -7.54 -23.70
N GLU A 106 26.50 -8.80 -24.12
CA GLU A 106 26.67 -9.15 -25.53
C GLU A 106 25.58 -8.52 -26.39
N MET A 107 24.33 -8.67 -25.96
CA MET A 107 23.20 -8.02 -26.60
C MET A 107 23.47 -6.51 -26.67
N GLY A 108 24.00 -5.96 -25.58
CA GLY A 108 24.27 -4.54 -25.51
C GLY A 108 25.31 -4.12 -26.52
N MET A 109 26.27 -5.00 -26.76
CA MET A 109 27.33 -4.76 -27.75
C MET A 109 26.67 -4.61 -29.11
N ASP A 110 25.94 -5.65 -29.50
CA ASP A 110 25.26 -5.75 -30.79
C ASP A 110 24.34 -4.57 -31.07
N MET A 111 23.54 -4.21 -30.08
CA MET A 111 22.60 -3.09 -30.19
C MET A 111 23.31 -1.80 -30.55
N ILE A 112 24.48 -1.60 -29.97
CA ILE A 112 25.25 -0.38 -30.20
C ILE A 112 25.84 -0.31 -31.61
N GLU A 113 26.18 -1.46 -32.18
CA GLU A 113 26.67 -1.51 -33.55
C GLU A 113 25.51 -1.33 -34.54
N ALA A 114 24.43 -2.07 -34.29
CA ALA A 114 23.25 -2.07 -35.12
C ALA A 114 22.70 -0.66 -35.36
N ILE A 115 22.58 0.11 -34.28
CA ILE A 115 22.06 1.47 -34.36
C ILE A 115 22.97 2.39 -35.19
N SER A 116 24.28 2.15 -35.13
CA SER A 116 25.23 2.95 -35.90
C SER A 116 25.14 2.67 -37.41
N LEU A 117 24.59 1.51 -37.76
CA LEU A 117 24.35 1.15 -39.16
C LEU A 117 23.19 1.95 -39.76
N VAL A 118 22.09 2.05 -39.00
CA VAL A 118 20.92 2.82 -39.42
C VAL A 118 21.19 4.32 -39.29
N ARG A 119 22.23 4.65 -38.54
CA ARG A 119 22.72 6.03 -38.40
C ARG A 119 23.37 6.50 -39.70
N GLU A 120 23.92 5.56 -40.45
CA GLU A 120 24.50 5.82 -41.78
C GLU A 120 23.38 6.15 -42.74
N MET A 121 22.49 5.18 -42.91
CA MET A 121 21.33 5.27 -43.80
C MET A 121 20.54 6.58 -43.68
N THR A 122 20.21 6.97 -42.45
CA THR A 122 19.48 8.21 -42.22
C THR A 122 20.40 9.42 -42.32
N GLY A 123 21.64 9.23 -41.89
CA GLY A 123 22.60 10.32 -41.91
C GLY A 123 22.46 11.22 -40.69
N VAL A 124 21.59 10.82 -39.76
CA VAL A 124 21.36 11.58 -38.54
C VAL A 124 22.15 10.95 -37.38
N ASN A 125 22.45 11.75 -36.35
CA ASN A 125 23.22 11.26 -35.20
C ASN A 125 22.38 10.63 -34.08
N VAL A 126 22.01 9.38 -34.30
CA VAL A 126 21.30 8.62 -33.28
C VAL A 126 22.25 7.57 -32.72
N ASN A 127 22.00 7.16 -31.48
CA ASN A 127 22.83 6.16 -30.86
C ASN A 127 22.05 5.54 -29.70
N MET A 128 22.51 4.37 -29.25
CA MET A 128 21.88 3.67 -28.13
C MET A 128 22.55 3.96 -26.81
N ARG A 129 21.76 3.93 -25.74
CA ARG A 129 22.25 4.11 -24.38
C ARG A 129 21.77 2.88 -23.60
N VAL A 130 22.70 2.08 -23.10
CA VAL A 130 22.35 0.83 -22.42
C VAL A 130 22.51 0.90 -20.90
N GLY A 131 21.71 0.12 -20.20
CA GLY A 131 21.78 0.05 -18.75
C GLY A 131 21.35 -1.34 -18.33
N ILE A 132 22.12 -1.96 -17.43
CA ILE A 132 21.86 -3.33 -17.01
C ILE A 132 21.98 -3.46 -15.50
N HIS A 133 21.19 -4.37 -14.93
CA HIS A 133 21.26 -4.68 -13.50
C HIS A 133 20.88 -6.16 -13.31
N SER A 134 21.36 -6.78 -12.23
CA SER A 134 21.03 -8.18 -11.98
C SER A 134 20.40 -8.40 -10.61
N GLY A 135 19.41 -9.28 -10.56
CA GLY A 135 18.72 -9.59 -9.31
C GLY A 135 17.48 -10.40 -9.60
N ARG A 136 16.48 -10.30 -8.74
CA ARG A 136 15.25 -11.04 -8.97
C ARG A 136 14.18 -10.20 -9.64
N VAL A 137 13.18 -10.87 -10.21
CA VAL A 137 12.03 -10.21 -10.82
C VAL A 137 10.76 -11.04 -10.57
N HIS A 138 9.63 -10.45 -10.95
CA HIS A 138 8.37 -11.18 -11.04
C HIS A 138 8.02 -11.01 -12.50
N CYS A 139 7.64 -12.08 -13.18
CA CYS A 139 7.29 -11.99 -14.58
C CYS A 139 5.91 -12.60 -14.82
N GLY A 140 5.24 -12.13 -15.85
CA GLY A 140 3.92 -12.62 -16.16
C GLY A 140 3.05 -11.64 -16.91
N VAL A 141 1.78 -11.59 -16.52
CA VAL A 141 0.80 -10.73 -17.18
C VAL A 141 -0.19 -10.17 -16.18
N LEU A 142 -0.72 -8.98 -16.48
CA LEU A 142 -1.66 -8.27 -15.60
C LEU A 142 -3.01 -7.99 -16.26
N GLY A 143 -4.07 -8.08 -15.46
CA GLY A 143 -5.40 -7.79 -15.98
C GLY A 143 -5.96 -8.94 -16.81
N LEU A 144 -7.00 -8.66 -17.58
CA LEU A 144 -7.69 -9.68 -18.37
C LEU A 144 -7.38 -9.54 -19.86
N ARG A 145 -7.51 -8.33 -20.37
CA ARG A 145 -7.42 -8.08 -21.80
C ARG A 145 -6.04 -7.65 -22.27
N LYS A 146 -5.77 -7.91 -23.55
CA LYS A 146 -4.53 -7.49 -24.20
C LYS A 146 -3.26 -7.88 -23.43
N TRP A 147 -3.16 -9.15 -23.07
CA TRP A 147 -2.00 -9.64 -22.34
C TRP A 147 -0.67 -9.39 -23.01
N GLN A 148 0.24 -8.75 -22.29
CA GLN A 148 1.60 -8.58 -22.79
C GLN A 148 2.55 -8.97 -21.67
N PHE A 149 3.49 -9.86 -22.00
CA PHE A 149 4.41 -10.40 -21.01
C PHE A 149 5.29 -9.29 -20.46
N ASP A 150 5.44 -9.28 -19.14
CA ASP A 150 6.16 -8.20 -18.47
C ASP A 150 6.94 -8.64 -17.22
N VAL A 151 7.81 -7.76 -16.72
CA VAL A 151 8.61 -8.00 -15.51
C VAL A 151 8.50 -6.82 -14.53
N TRP A 152 8.49 -7.11 -13.23
CA TRP A 152 8.33 -6.07 -12.21
C TRP A 152 9.15 -6.38 -10.96
N SER A 153 9.85 -5.35 -10.45
CA SER A 153 10.56 -5.40 -9.16
C SER A 153 11.48 -4.18 -9.04
N ASN A 154 12.02 -3.95 -7.84
CA ASN A 154 12.96 -2.87 -7.59
C ASN A 154 14.19 -2.98 -8.48
N ASP A 155 14.58 -4.22 -8.80
CA ASP A 155 15.72 -4.48 -9.66
C ASP A 155 15.45 -4.05 -11.09
N VAL A 156 14.23 -4.28 -11.54
CA VAL A 156 13.83 -3.84 -12.87
C VAL A 156 13.86 -2.32 -12.89
N THR A 157 13.40 -1.71 -11.79
CA THR A 157 13.36 -0.26 -11.65
C THR A 157 14.77 0.32 -11.72
N LEU A 158 15.68 -0.30 -10.97
CA LEU A 158 17.08 0.09 -10.95
C LEU A 158 17.69 0.02 -12.35
N ALA A 159 17.46 -1.09 -13.04
CA ALA A 159 17.98 -1.28 -14.39
C ALA A 159 17.54 -0.15 -15.32
N ASN A 160 16.28 0.24 -15.23
CA ASN A 160 15.74 1.33 -16.05
C ASN A 160 16.44 2.65 -15.73
N HIS A 161 16.65 2.90 -14.44
CA HIS A 161 17.38 4.07 -14.01
C HIS A 161 18.84 3.99 -14.46
N MET A 162 19.35 2.77 -14.60
CA MET A 162 20.70 2.54 -15.14
C MET A 162 20.78 2.99 -16.60
N GLU A 163 19.76 2.64 -17.38
CA GLU A 163 19.64 3.08 -18.76
C GLU A 163 19.55 4.60 -18.78
N ALA A 164 18.66 5.13 -17.95
CA ALA A 164 18.37 6.56 -17.87
C ALA A 164 19.59 7.37 -17.44
N GLY A 165 20.32 6.84 -16.47
CA GLY A 165 21.51 7.51 -15.99
C GLY A 165 22.73 7.03 -16.73
N GLY A 166 22.51 6.40 -17.88
CA GLY A 166 23.60 5.90 -18.70
C GLY A 166 24.38 6.95 -19.46
N LYS A 167 25.18 6.48 -20.41
CA LYS A 167 26.04 7.35 -21.19
C LYS A 167 25.93 6.89 -22.64
N ALA A 168 25.88 7.83 -23.57
CA ALA A 168 25.72 7.53 -25.00
C ALA A 168 26.74 6.53 -25.55
N GLY A 169 26.27 5.61 -26.38
CA GLY A 169 27.14 4.61 -26.98
C GLY A 169 27.84 3.67 -26.02
N ARG A 170 27.42 3.66 -24.77
CA ARG A 170 28.08 2.85 -23.74
C ARG A 170 27.12 1.94 -23.00
N ILE A 171 27.67 0.83 -22.50
CA ILE A 171 26.91 -0.11 -21.68
C ILE A 171 27.15 0.20 -20.20
N HIS A 172 26.11 0.69 -19.54
CA HIS A 172 26.17 1.12 -18.14
C HIS A 172 25.70 -0.05 -17.27
N ILE A 173 26.59 -0.60 -16.43
CA ILE A 173 26.23 -1.73 -15.59
C ILE A 173 26.36 -1.45 -14.08
N THR A 174 25.89 -2.37 -13.24
CA THR A 174 25.96 -2.18 -11.80
C THR A 174 26.98 -3.07 -11.08
N LYS A 175 27.00 -2.90 -9.77
CA LYS A 175 27.72 -3.74 -8.82
C LYS A 175 27.33 -5.21 -9.00
N ALA A 176 26.02 -5.47 -8.89
CA ALA A 176 25.48 -6.82 -8.97
C ALA A 176 25.78 -7.47 -10.32
N THR A 177 25.78 -6.66 -11.37
CA THR A 177 26.05 -7.16 -12.71
C THR A 177 27.56 -7.43 -12.96
N LEU A 178 28.40 -6.99 -12.03
CA LEU A 178 29.83 -7.25 -12.14
C LEU A 178 30.21 -8.56 -11.42
N SER A 179 29.48 -8.88 -10.37
CA SER A 179 29.69 -10.13 -9.64
C SER A 179 29.11 -11.39 -10.33
N TYR A 180 28.48 -11.20 -11.48
CA TYR A 180 27.93 -12.31 -12.26
C TYR A 180 28.70 -12.40 -13.58
N LEU A 181 29.50 -11.37 -13.84
CA LEU A 181 30.26 -11.27 -15.06
C LEU A 181 31.62 -11.95 -14.92
N ASN A 182 31.98 -12.27 -13.68
CA ASN A 182 33.26 -12.91 -13.36
C ASN A 182 34.45 -12.16 -13.98
N GLY A 183 34.32 -10.84 -14.04
CA GLY A 183 35.39 -9.99 -14.54
C GLY A 183 35.95 -10.34 -15.90
N ASP A 184 35.12 -10.95 -16.75
CA ASP A 184 35.54 -11.30 -18.09
C ASP A 184 35.66 -10.04 -18.92
N TYR A 185 34.76 -9.09 -18.68
CA TYR A 185 34.79 -7.80 -19.35
C TYR A 185 35.58 -6.81 -18.52
N GLU A 186 36.18 -5.84 -19.20
CA GLU A 186 36.95 -4.82 -18.53
C GLU A 186 36.13 -3.55 -18.45
N VAL A 187 36.07 -2.98 -17.25
CA VAL A 187 35.25 -1.80 -16.97
C VAL A 187 36.07 -0.62 -16.49
N GLU A 188 35.37 0.42 -16.06
CA GLU A 188 35.99 1.62 -15.52
C GLU A 188 34.96 2.29 -14.62
N PRO A 189 35.36 3.28 -13.80
CA PRO A 189 34.40 3.96 -12.93
C PRO A 189 33.24 4.49 -13.75
N GLY A 190 32.03 4.28 -13.25
CA GLY A 190 30.83 4.63 -14.00
C GLY A 190 30.23 5.98 -13.69
N CYS A 191 30.37 6.45 -12.45
CA CYS A 191 29.88 7.75 -12.03
C CYS A 191 28.39 7.97 -12.31
N GLY A 192 27.58 6.95 -12.04
CA GLY A 192 26.16 7.02 -12.30
C GLY A 192 25.40 7.82 -11.26
N GLY A 193 26.03 8.00 -10.10
CA GLY A 193 25.42 8.75 -9.02
C GLY A 193 25.25 10.22 -9.37
N GLU A 194 25.93 10.67 -10.40
CA GLU A 194 25.85 12.06 -10.80
C GLU A 194 25.04 12.30 -12.09
N ARG A 195 24.48 11.23 -12.64
CA ARG A 195 23.61 11.36 -13.81
C ARG A 195 22.18 10.97 -13.50
N ASN A 196 21.96 10.42 -12.31
CA ASN A 196 20.62 10.03 -11.88
C ASN A 196 20.47 10.12 -10.36
N ALA A 197 19.41 10.79 -9.94
CA ALA A 197 19.12 11.00 -8.53
C ALA A 197 18.86 9.70 -7.78
N TYR A 198 18.21 8.75 -8.42
CA TYR A 198 17.92 7.45 -7.83
C TYR A 198 19.22 6.69 -7.56
N LEU A 199 20.18 6.82 -8.48
CA LEU A 199 21.49 6.17 -8.33
C LEU A 199 22.30 6.84 -7.22
N LYS A 200 22.17 8.17 -7.16
CA LYS A 200 22.82 8.97 -6.14
C LYS A 200 22.28 8.53 -4.79
N GLU A 201 20.98 8.76 -4.59
CA GLU A 201 20.29 8.51 -3.35
C GLU A 201 20.31 7.08 -2.84
N HIS A 202 20.55 6.12 -3.73
CA HIS A 202 20.67 4.74 -3.29
C HIS A 202 22.10 4.23 -3.16
N SER A 203 23.06 5.13 -3.34
CA SER A 203 24.48 4.78 -3.24
C SER A 203 24.85 3.59 -4.14
N ILE A 204 24.61 3.74 -5.44
CA ILE A 204 24.86 2.67 -6.40
C ILE A 204 26.20 2.86 -7.11
N GLU A 205 27.08 1.87 -6.99
CA GLU A 205 28.37 1.91 -7.67
C GLU A 205 28.24 1.40 -9.09
N THR A 206 28.34 2.32 -10.04
CA THR A 206 28.16 1.97 -11.43
C THR A 206 29.50 1.89 -12.15
N PHE A 207 29.49 1.19 -13.28
CA PHE A 207 30.70 1.01 -14.08
C PHE A 207 30.34 1.09 -15.56
N LEU A 208 31.35 1.33 -16.40
CA LEU A 208 31.16 1.37 -17.85
C LEU A 208 32.07 0.32 -18.52
N ILE A 209 31.50 -0.47 -19.42
CA ILE A 209 32.24 -1.51 -20.12
C ILE A 209 33.11 -0.93 -21.23
N LEU A 210 34.35 -1.41 -21.32
CA LEU A 210 35.33 -0.87 -22.26
C LEU A 210 35.22 -1.43 -23.69
N HIS B 10 0.61 -2.36 -41.93
CA HIS B 10 0.02 -1.38 -41.02
C HIS B 10 -0.39 -0.05 -41.68
N GLN B 11 -1.51 0.52 -41.24
CA GLN B 11 -2.08 1.70 -41.87
C GLN B 11 -2.08 2.96 -40.98
N SER B 12 -2.51 4.08 -41.58
CA SER B 12 -2.59 5.35 -40.87
C SER B 12 -4.03 5.87 -40.75
N TYR B 13 -4.24 6.74 -39.77
CA TYR B 13 -5.55 7.28 -39.45
C TYR B 13 -5.48 8.80 -39.33
N ASP B 14 -6.65 9.44 -39.25
CA ASP B 14 -6.73 10.90 -39.27
C ASP B 14 -7.19 11.53 -37.97
N CYS B 15 -7.99 10.81 -37.20
CA CYS B 15 -8.55 11.40 -36.01
C CYS B 15 -8.83 10.31 -34.97
N VAL B 16 -7.78 9.92 -34.26
CA VAL B 16 -7.87 8.92 -33.20
C VAL B 16 -7.67 9.61 -31.86
N CYS B 17 -8.52 9.28 -30.89
CA CYS B 17 -8.43 9.88 -29.56
C CYS B 17 -7.69 8.95 -28.61
N VAL B 18 -6.50 9.37 -28.17
CA VAL B 18 -5.64 8.57 -27.31
C VAL B 18 -5.69 9.04 -25.85
N MET B 19 -5.66 8.07 -24.94
CA MET B 19 -5.69 8.39 -23.51
C MET B 19 -4.71 7.59 -22.66
N PHE B 20 -3.98 8.30 -21.81
CA PHE B 20 -3.13 7.71 -20.77
C PHE B 20 -3.71 8.04 -19.41
N ALA B 21 -3.97 7.00 -18.63
CA ALA B 21 -4.44 7.16 -17.26
C ALA B 21 -3.44 6.46 -16.36
N SER B 22 -2.78 7.21 -15.50
CA SER B 22 -1.81 6.60 -14.61
C SER B 22 -2.13 6.85 -13.14
N ILE B 23 -1.55 6.01 -12.29
CA ILE B 23 -1.75 6.09 -10.84
C ILE B 23 -0.40 6.41 -10.19
N PRO B 24 -0.09 7.71 -10.05
CA PRO B 24 1.17 8.21 -9.45
C PRO B 24 1.52 7.61 -8.09
N ASP B 25 0.52 7.44 -7.23
CA ASP B 25 0.75 6.97 -5.86
C ASP B 25 1.03 5.47 -5.72
N PHE B 26 0.99 4.74 -6.83
CA PHE B 26 1.21 3.30 -6.75
C PHE B 26 2.64 2.88 -6.40
N LYS B 27 3.64 3.53 -7.00
CA LYS B 27 5.04 3.16 -6.78
C LYS B 27 5.45 3.28 -5.31
N GLU B 28 4.84 4.24 -4.62
CA GLU B 28 5.06 4.42 -3.19
C GLU B 28 4.54 3.20 -2.46
N PHE B 29 3.32 2.81 -2.81
CA PHE B 29 2.70 1.62 -2.24
C PHE B 29 3.58 0.40 -2.45
N TYR B 30 4.24 0.34 -3.60
CA TYR B 30 5.08 -0.80 -3.91
C TYR B 30 6.28 -0.95 -2.98
N THR B 31 6.37 -2.15 -2.42
CA THR B 31 7.33 -2.53 -1.39
C THR B 31 7.72 -4.00 -1.64
N GLU B 32 8.91 -4.38 -1.19
CA GLU B 32 9.33 -5.78 -1.21
C GLU B 32 9.78 -6.17 0.19
N SER B 33 9.10 -7.15 0.76
CA SER B 33 9.45 -7.65 2.09
C SER B 33 9.05 -9.10 2.14
N ASP B 34 9.38 -9.76 3.23
CA ASP B 34 9.05 -11.17 3.37
C ASP B 34 7.55 -11.33 3.55
N VAL B 35 6.96 -10.37 4.25
CA VAL B 35 5.53 -10.40 4.56
C VAL B 35 4.65 -10.39 3.29
N ASN B 36 4.99 -9.55 2.32
CA ASN B 36 4.20 -9.43 1.10
C ASN B 36 4.82 -10.19 -0.07
N LYS B 37 5.49 -11.30 0.25
CA LYS B 37 6.08 -12.18 -0.75
C LYS B 37 7.00 -11.46 -1.75
N GLU B 38 7.84 -10.57 -1.23
CA GLU B 38 8.75 -9.73 -2.01
C GLU B 38 8.07 -8.91 -3.08
N GLY B 39 6.98 -8.24 -2.68
CA GLY B 39 6.27 -7.36 -3.60
C GLY B 39 5.15 -8.00 -4.41
N LEU B 40 4.89 -9.27 -4.19
CA LEU B 40 3.87 -9.97 -4.96
C LEU B 40 2.46 -9.60 -4.52
N GLU B 41 2.24 -9.42 -3.22
CA GLU B 41 0.91 -9.02 -2.77
C GLU B 41 0.55 -7.65 -3.33
N CYS B 42 1.57 -6.87 -3.67
CA CYS B 42 1.39 -5.55 -4.26
C CYS B 42 0.89 -5.70 -5.69
N LEU B 43 1.62 -6.46 -6.49
CA LEU B 43 1.21 -6.71 -7.86
C LEU B 43 -0.17 -7.35 -7.88
N ARG B 44 -0.53 -8.09 -6.83
CA ARG B 44 -1.84 -8.72 -6.77
C ARG B 44 -2.92 -7.66 -6.79
N LEU B 45 -2.71 -6.58 -6.05
CA LEU B 45 -3.66 -5.48 -6.04
C LEU B 45 -3.70 -4.80 -7.41
N LEU B 46 -2.55 -4.57 -8.03
CA LEU B 46 -2.48 -3.93 -9.34
C LEU B 46 -3.26 -4.75 -10.37
N ASN B 47 -3.23 -6.06 -10.20
CA ASN B 47 -3.95 -6.98 -11.07
C ASN B 47 -5.45 -6.76 -10.94
N GLU B 48 -5.91 -6.59 -9.71
CA GLU B 48 -7.33 -6.37 -9.43
C GLU B 48 -7.78 -5.04 -10.00
N ILE B 49 -6.86 -4.08 -10.05
CA ILE B 49 -7.16 -2.76 -10.58
C ILE B 49 -7.25 -2.79 -12.10
N ILE B 50 -6.21 -3.31 -12.74
CA ILE B 50 -6.14 -3.37 -14.20
C ILE B 50 -7.25 -4.23 -14.75
N ALA B 51 -7.56 -5.31 -14.05
CA ALA B 51 -8.66 -6.20 -14.40
C ALA B 51 -10.02 -5.51 -14.25
N ASP B 52 -10.17 -4.74 -13.17
CA ASP B 52 -11.38 -3.95 -12.92
C ASP B 52 -11.59 -2.89 -14.01
N PHE B 53 -10.49 -2.44 -14.61
CA PHE B 53 -10.52 -1.50 -15.70
C PHE B 53 -10.89 -2.19 -17.01
N ASP B 54 -10.42 -3.43 -17.19
CA ASP B 54 -10.70 -4.19 -18.40
C ASP B 54 -12.17 -4.55 -18.52
N ASP B 55 -12.83 -4.77 -17.38
CA ASP B 55 -14.27 -5.03 -17.30
C ASP B 55 -15.11 -3.96 -17.98
N LEU B 56 -14.62 -2.72 -17.97
CA LEU B 56 -15.33 -1.60 -18.59
C LEU B 56 -15.44 -1.71 -20.11
N LEU B 57 -14.48 -2.39 -20.72
CA LEU B 57 -14.47 -2.56 -22.17
C LEU B 57 -15.67 -3.37 -22.69
N SER B 58 -16.27 -4.17 -21.83
CA SER B 58 -17.43 -4.99 -22.17
C SER B 58 -18.77 -4.24 -22.04
N LYS B 59 -18.73 -2.98 -21.65
CA LYS B 59 -19.95 -2.18 -21.61
C LYS B 59 -20.25 -1.73 -23.03
N PRO B 60 -21.52 -1.81 -23.46
CA PRO B 60 -21.93 -1.42 -24.81
C PRO B 60 -21.49 0.00 -25.18
N LYS B 61 -21.50 0.91 -24.20
CA LYS B 61 -21.11 2.28 -24.45
C LYS B 61 -19.60 2.45 -24.66
N PHE B 62 -18.82 1.46 -24.25
CA PHE B 62 -17.38 1.52 -24.42
C PHE B 62 -16.85 0.55 -25.46
N SER B 63 -17.73 0.09 -26.36
CA SER B 63 -17.37 -0.84 -27.42
C SER B 63 -16.48 -0.21 -28.49
N GLY B 64 -16.35 1.12 -28.44
CA GLY B 64 -15.44 1.82 -29.33
C GLY B 64 -14.03 1.95 -28.77
N VAL B 65 -13.90 1.66 -27.48
CA VAL B 65 -12.62 1.76 -26.78
C VAL B 65 -11.71 0.56 -27.04
N GLU B 66 -10.49 0.84 -27.46
CA GLU B 66 -9.52 -0.20 -27.72
C GLU B 66 -8.34 -0.06 -26.76
N LYS B 67 -8.20 -1.02 -25.85
CA LYS B 67 -7.07 -1.03 -24.93
C LYS B 67 -5.80 -1.35 -25.74
N ILE B 68 -4.78 -0.51 -25.61
CA ILE B 68 -3.53 -0.72 -26.34
C ILE B 68 -2.53 -1.53 -25.51
N LYS B 69 -2.32 -1.10 -24.26
CA LYS B 69 -1.48 -1.83 -23.31
C LYS B 69 -1.49 -1.17 -21.93
N THR B 70 -0.76 -1.74 -20.97
CA THR B 70 -0.49 -1.07 -19.70
C THR B 70 1.03 -0.91 -19.60
N ILE B 71 1.48 0.29 -19.20
CA ILE B 71 2.90 0.56 -19.00
C ILE B 71 3.10 0.75 -17.50
N GLY B 72 3.72 -0.22 -16.87
CA GLY B 72 3.84 -0.18 -15.42
C GLY B 72 2.43 -0.20 -14.84
N SER B 73 2.02 0.92 -14.27
CA SER B 73 0.67 1.05 -13.75
C SER B 73 -0.09 2.16 -14.49
N THR B 74 0.21 2.30 -15.77
CA THR B 74 -0.44 3.29 -16.62
C THR B 74 -1.25 2.57 -17.68
N TYR B 75 -2.53 2.94 -17.78
CA TYR B 75 -3.48 2.34 -18.71
C TYR B 75 -3.56 3.17 -19.98
N MET B 76 -3.33 2.55 -21.14
CA MET B 76 -3.36 3.25 -22.43
C MET B 76 -4.41 2.71 -23.39
N ALA B 77 -5.32 3.59 -23.83
CA ALA B 77 -6.45 3.20 -24.68
C ALA B 77 -6.77 4.28 -25.72
N ALA B 78 -7.43 3.88 -26.81
CA ALA B 78 -7.75 4.81 -27.90
C ALA B 78 -9.14 4.58 -28.48
N THR B 79 -9.77 5.65 -28.98
CA THR B 79 -11.06 5.53 -29.66
C THR B 79 -10.93 5.96 -31.12
N GLY B 80 -11.60 5.22 -32.02
CA GLY B 80 -11.57 5.60 -33.40
C GLY B 80 -10.62 4.81 -34.27
N LEU B 81 -10.28 3.60 -33.84
CA LEU B 81 -9.47 2.68 -34.64
C LEU B 81 -10.41 1.79 -35.46
N SER B 82 -11.60 1.56 -34.90
CA SER B 82 -12.66 0.79 -35.53
C SER B 82 -13.46 1.67 -36.50
N ALA B 83 -12.83 2.77 -36.93
CA ALA B 83 -13.41 3.69 -37.89
C ALA B 83 -12.73 3.51 -39.25
N ILE B 84 -12.97 4.44 -40.17
CA ILE B 84 -12.44 4.35 -41.52
C ILE B 84 -10.98 4.83 -41.64
N ARG B 95 -21.62 14.26 -34.36
CA ARG B 95 -21.52 12.91 -34.91
C ARG B 95 -20.09 12.49 -35.16
N GLN B 96 -19.35 13.34 -35.86
CA GLN B 96 -17.98 13.04 -36.25
C GLN B 96 -17.02 12.84 -35.07
N TYR B 97 -17.07 13.76 -34.11
CA TYR B 97 -16.13 13.74 -32.99
C TYR B 97 -16.71 13.14 -31.72
N MET B 98 -17.75 12.34 -31.86
CA MET B 98 -18.40 11.72 -30.71
C MET B 98 -17.50 10.69 -29.97
N HIS B 99 -16.45 10.20 -30.65
CA HIS B 99 -15.53 9.23 -30.05
C HIS B 99 -14.55 9.86 -29.06
N ILE B 100 -14.36 11.17 -29.22
CA ILE B 100 -13.51 11.94 -28.34
C ILE B 100 -14.22 12.09 -27.00
N GLY B 101 -15.53 12.35 -27.06
CA GLY B 101 -16.31 12.42 -25.84
C GLY B 101 -16.36 11.08 -25.14
N THR B 102 -16.33 10.01 -25.95
CA THR B 102 -16.37 8.65 -25.43
C THR B 102 -15.14 8.38 -24.58
N MET B 103 -13.98 8.79 -25.09
CA MET B 103 -12.72 8.61 -24.42
C MET B 103 -12.75 9.25 -23.04
N VAL B 104 -13.40 10.41 -22.97
CA VAL B 104 -13.54 11.14 -21.71
C VAL B 104 -14.48 10.40 -20.74
N GLU B 105 -15.63 9.94 -21.23
CA GLU B 105 -16.57 9.18 -20.41
C GLU B 105 -15.87 7.98 -19.81
N PHE B 106 -14.92 7.47 -20.57
CA PHE B 106 -14.16 6.31 -20.19
C PHE B 106 -13.23 6.66 -19.03
N ALA B 107 -12.58 7.82 -19.11
CA ALA B 107 -11.70 8.28 -18.04
C ALA B 107 -12.45 8.39 -16.72
N TYR B 108 -13.64 8.99 -16.76
CA TYR B 108 -14.50 9.09 -15.58
C TYR B 108 -14.84 7.69 -15.08
N ALA B 109 -15.09 6.79 -16.01
CA ALA B 109 -15.37 5.40 -15.69
C ALA B 109 -14.24 4.79 -14.85
N LEU B 110 -13.00 5.03 -15.28
CA LEU B 110 -11.84 4.51 -14.58
C LEU B 110 -11.76 5.06 -13.17
N VAL B 111 -11.99 6.35 -13.03
CA VAL B 111 -12.00 7.01 -11.72
C VAL B 111 -12.96 6.33 -10.75
N GLY B 112 -14.18 6.05 -11.22
CA GLY B 112 -15.17 5.37 -10.40
C GLY B 112 -14.73 3.97 -9.96
N LYS B 113 -14.11 3.23 -10.86
CA LYS B 113 -13.61 1.90 -10.55
C LYS B 113 -12.50 2.00 -9.51
N LEU B 114 -11.61 2.98 -9.69
CA LEU B 114 -10.48 3.18 -8.78
C LEU B 114 -10.96 3.57 -7.38
N ASP B 115 -12.04 4.33 -7.31
CA ASP B 115 -12.66 4.69 -6.03
C ASP B 115 -13.20 3.48 -5.29
N ALA B 116 -13.74 2.53 -6.06
CA ALA B 116 -14.27 1.27 -5.52
C ALA B 116 -13.14 0.46 -4.89
N ILE B 117 -11.99 0.44 -5.55
CA ILE B 117 -10.80 -0.24 -5.06
C ILE B 117 -10.39 0.36 -3.72
N ASN B 118 -10.35 1.69 -3.65
CA ASN B 118 -9.97 2.40 -2.44
C ASN B 118 -10.82 1.99 -1.25
N LYS B 119 -12.14 1.95 -1.47
CA LYS B 119 -13.09 1.54 -0.43
C LYS B 119 -12.61 0.27 0.25
N HIS B 120 -12.22 -0.71 -0.55
CA HIS B 120 -11.84 -2.04 -0.08
C HIS B 120 -10.37 -2.27 0.26
N SER B 121 -9.48 -1.44 -0.28
CA SER B 121 -8.06 -1.60 0.00
C SER B 121 -7.59 -0.63 1.08
N PHE B 122 -8.52 0.16 1.61
CA PHE B 122 -8.22 1.17 2.62
C PHE B 122 -7.10 2.07 2.13
N ASN B 123 -7.09 2.34 0.82
CA ASN B 123 -6.08 3.19 0.22
C ASN B 123 -6.72 4.46 -0.36
N ASP B 124 -5.94 5.24 -1.11
CA ASP B 124 -6.43 6.45 -1.73
C ASP B 124 -5.63 6.77 -2.97
N PHE B 125 -5.77 5.92 -3.98
CA PHE B 125 -5.14 6.18 -5.25
C PHE B 125 -5.99 7.17 -6.02
N LYS B 126 -5.33 8.17 -6.62
CA LYS B 126 -6.00 9.12 -7.51
C LYS B 126 -5.51 8.85 -8.93
N LEU B 127 -6.36 9.12 -9.91
CA LEU B 127 -5.99 8.86 -11.29
C LEU B 127 -5.52 10.19 -11.93
N ARG B 128 -4.52 10.09 -12.80
CA ARG B 128 -4.02 11.26 -13.50
C ARG B 128 -4.15 10.95 -15.00
N VAL B 129 -4.92 11.78 -15.71
CA VAL B 129 -5.28 11.52 -17.10
C VAL B 129 -4.84 12.57 -18.12
N GLY B 130 -4.46 12.11 -19.31
CA GLY B 130 -4.15 13.00 -20.41
C GLY B 130 -4.78 12.47 -21.70
N ILE B 131 -5.58 13.29 -22.36
CA ILE B 131 -6.20 12.92 -23.64
C ILE B 131 -5.87 13.91 -24.75
N ASN B 132 -5.72 13.37 -25.95
CA ASN B 132 -5.36 14.16 -27.12
C ASN B 132 -5.90 13.43 -28.34
N HIS B 133 -6.15 14.14 -29.44
CA HIS B 133 -6.63 13.51 -30.67
C HIS B 133 -5.89 13.99 -31.92
N GLY B 134 -5.79 13.13 -32.91
CA GLY B 134 -5.10 13.51 -34.14
C GLY B 134 -4.64 12.31 -34.93
N PRO B 135 -3.87 12.55 -36.01
CA PRO B 135 -3.36 11.48 -36.86
C PRO B 135 -2.34 10.52 -36.21
N VAL B 136 -2.56 9.22 -36.40
CA VAL B 136 -1.65 8.19 -35.90
C VAL B 136 -1.36 7.15 -36.97
N ILE B 137 -0.44 6.24 -36.64
CA ILE B 137 -0.13 5.09 -37.46
C ILE B 137 -0.23 3.87 -36.56
N ALA B 138 -1.20 3.00 -36.88
CA ALA B 138 -1.43 1.80 -36.10
C ALA B 138 -0.75 0.63 -36.77
N GLY B 139 -0.48 -0.44 -36.02
CA GLY B 139 0.12 -1.61 -36.63
C GLY B 139 0.87 -2.53 -35.68
N VAL B 140 1.54 -3.51 -36.25
CA VAL B 140 2.32 -4.50 -35.51
C VAL B 140 3.82 -4.18 -35.57
N ILE B 141 4.54 -4.51 -34.50
CA ILE B 141 5.97 -4.28 -34.47
C ILE B 141 6.69 -5.52 -33.92
N GLY B 142 7.99 -5.63 -34.21
CA GLY B 142 8.78 -6.73 -33.70
C GLY B 142 8.64 -8.05 -34.45
N ALA B 143 9.73 -8.82 -34.46
CA ALA B 143 9.78 -10.10 -35.17
C ALA B 143 9.18 -11.26 -34.39
N GLN B 144 9.51 -11.32 -33.09
CA GLN B 144 9.11 -12.43 -32.24
C GLN B 144 7.61 -12.64 -32.07
N LYS B 145 7.02 -11.98 -31.08
CA LYS B 145 5.60 -12.05 -30.81
C LYS B 145 5.00 -10.71 -31.28
N PRO B 146 4.65 -10.61 -32.57
CA PRO B 146 4.07 -9.39 -33.14
C PRO B 146 2.92 -8.80 -32.34
N GLN B 147 3.11 -7.57 -31.87
CA GLN B 147 2.12 -6.89 -31.03
C GLN B 147 1.73 -5.51 -31.53
N TYR B 148 0.43 -5.27 -31.52
CA TYR B 148 -0.20 -4.05 -32.01
C TYR B 148 0.11 -2.80 -31.16
N ASP B 149 0.70 -1.78 -31.79
CA ASP B 149 1.00 -0.50 -31.14
C ASP B 149 0.66 0.64 -32.11
N ILE B 150 0.46 1.84 -31.58
CA ILE B 150 0.22 3.01 -32.44
C ILE B 150 1.32 4.04 -32.25
N TRP B 151 1.64 4.78 -33.29
CA TRP B 151 2.75 5.72 -33.23
C TRP B 151 2.33 7.09 -33.73
N GLY B 152 3.09 8.11 -33.38
CA GLY B 152 2.80 9.46 -33.85
C GLY B 152 2.92 10.54 -32.80
N ASN B 153 3.11 11.77 -33.26
CA ASN B 153 3.19 12.91 -32.35
C ASN B 153 1.95 12.94 -31.48
N THR B 154 0.82 12.60 -32.08
CA THR B 154 -0.47 12.59 -31.40
C THR B 154 -0.41 11.78 -30.11
N VAL B 155 0.34 10.68 -30.13
CA VAL B 155 0.44 9.79 -28.98
C VAL B 155 1.43 10.28 -27.90
N ASN B 156 2.56 10.84 -28.33
CA ASN B 156 3.56 11.40 -27.41
C ASN B 156 2.95 12.53 -26.60
N VAL B 157 2.26 13.43 -27.29
CA VAL B 157 1.59 14.54 -26.65
C VAL B 157 0.59 14.09 -25.58
N ALA B 158 -0.22 13.07 -25.90
CA ALA B 158 -1.17 12.50 -24.94
C ALA B 158 -0.42 11.99 -23.71
N SER B 159 0.75 11.40 -23.95
CA SER B 159 1.59 10.90 -22.87
C SER B 159 2.01 12.03 -21.96
N ARG B 160 2.44 13.14 -22.56
CA ARG B 160 2.89 14.30 -21.80
C ARG B 160 1.75 14.97 -21.05
N MET B 161 0.53 14.88 -21.57
CA MET B 161 -0.65 15.43 -20.90
C MET B 161 -0.85 14.72 -19.58
N ASP B 162 -0.54 13.44 -19.58
CA ASP B 162 -0.61 12.66 -18.37
C ASP B 162 0.56 13.03 -17.46
N SER B 163 1.79 12.84 -17.94
CA SER B 163 2.99 13.03 -17.12
C SER B 163 3.12 14.42 -16.47
N THR B 164 2.51 15.42 -17.09
CA THR B 164 2.55 16.78 -16.55
C THR B 164 1.20 17.17 -15.96
N GLY B 165 0.27 16.22 -15.93
CA GLY B 165 -1.07 16.50 -15.44
C GLY B 165 -1.17 16.57 -13.93
N VAL B 166 -2.39 16.75 -13.44
CA VAL B 166 -2.64 16.84 -11.99
C VAL B 166 -3.53 15.69 -11.59
N LEU B 167 -3.46 15.28 -10.32
CA LEU B 167 -4.29 14.19 -9.78
C LEU B 167 -5.77 14.52 -9.88
N ASP B 168 -6.59 13.51 -10.14
CA ASP B 168 -8.03 13.69 -10.33
C ASP B 168 -8.39 14.72 -11.40
N LYS B 169 -7.50 14.89 -12.36
CA LYS B 169 -7.73 15.85 -13.46
C LYS B 169 -7.46 15.23 -14.83
N ILE B 170 -8.28 15.62 -15.80
CA ILE B 170 -8.09 15.21 -17.18
C ILE B 170 -7.49 16.41 -17.91
N GLN B 171 -6.27 16.26 -18.40
CA GLN B 171 -5.62 17.35 -19.11
C GLN B 171 -5.71 17.14 -20.61
N VAL B 172 -6.21 18.15 -21.32
CA VAL B 172 -6.38 18.06 -22.76
C VAL B 172 -5.70 19.22 -23.51
N THR B 173 -5.33 18.95 -24.76
CA THR B 173 -4.71 19.98 -25.60
C THR B 173 -5.76 21.01 -26.03
N GLU B 174 -5.31 22.11 -26.62
CA GLU B 174 -6.20 23.18 -27.02
C GLU B 174 -7.29 22.76 -28.02
N GLU B 175 -6.90 22.07 -29.09
CA GLU B 175 -7.86 21.64 -30.11
C GLU B 175 -8.84 20.64 -29.51
N THR B 176 -8.29 19.69 -28.77
CA THR B 176 -9.11 18.68 -28.08
C THR B 176 -10.09 19.44 -27.19
N SER B 177 -9.62 20.50 -26.58
CA SER B 177 -10.43 21.36 -25.73
C SER B 177 -11.59 21.94 -26.54
N LEU B 178 -11.25 22.50 -27.71
CA LEU B 178 -12.22 23.16 -28.60
C LEU B 178 -13.39 22.25 -28.92
N ILE B 179 -13.05 21.05 -29.37
CA ILE B 179 -14.02 20.04 -29.72
C ILE B 179 -14.90 19.66 -28.54
N LEU B 180 -14.27 19.42 -27.39
CA LEU B 180 -15.01 19.00 -26.20
C LEU B 180 -16.06 20.00 -25.79
N GLN B 181 -15.85 21.26 -26.16
CA GLN B 181 -16.80 22.30 -25.84
C GLN B 181 -18.02 22.25 -26.76
N THR B 182 -17.81 21.85 -28.02
CA THR B 182 -18.92 21.72 -28.96
C THR B 182 -19.82 20.59 -28.47
N LEU B 183 -19.24 19.67 -27.70
CA LEU B 183 -19.98 18.54 -27.17
C LEU B 183 -20.65 18.82 -25.82
N GLY B 184 -20.32 19.96 -25.20
CA GLY B 184 -20.97 20.32 -23.94
C GLY B 184 -20.16 20.26 -22.65
N TYR B 185 -18.83 20.16 -22.74
CA TYR B 185 -17.98 20.20 -21.55
C TYR B 185 -17.33 21.57 -21.49
N THR B 186 -16.95 22.01 -20.28
CA THR B 186 -16.19 23.25 -20.15
C THR B 186 -14.77 22.93 -19.71
N CYS B 187 -13.83 23.79 -20.08
CA CYS B 187 -12.41 23.59 -19.79
C CYS B 187 -11.77 24.84 -19.19
N THR B 188 -10.69 24.65 -18.43
CA THR B 188 -9.98 25.76 -17.83
C THR B 188 -8.51 25.68 -18.21
N CYS B 189 -7.97 26.81 -18.63
CA CYS B 189 -6.57 26.83 -19.06
C CYS B 189 -5.65 26.53 -17.89
N ARG B 190 -4.90 25.44 -18.02
CA ARG B 190 -3.88 25.08 -17.02
C ARG B 190 -2.71 26.06 -17.09
N GLY B 191 -2.35 26.44 -18.30
CA GLY B 191 -1.20 27.29 -18.50
C GLY B 191 -0.49 26.79 -19.73
N ILE B 192 0.84 26.85 -19.72
CA ILE B 192 1.67 26.42 -20.85
C ILE B 192 2.62 25.30 -20.44
N ILE B 193 2.96 24.43 -21.40
CA ILE B 193 3.80 23.26 -21.17
C ILE B 193 4.85 23.09 -22.26
N ASN B 194 6.09 22.81 -21.87
CA ASN B 194 7.12 22.56 -22.87
C ASN B 194 7.20 21.10 -23.28
N VAL B 195 6.88 20.85 -24.54
CA VAL B 195 7.02 19.52 -25.14
C VAL B 195 8.38 19.36 -25.83
N LYS B 196 9.09 18.31 -25.42
CA LYS B 196 10.37 17.93 -26.03
C LYS B 196 10.14 17.76 -27.54
N GLY B 197 10.59 18.74 -28.32
CA GLY B 197 10.48 18.61 -29.77
C GLY B 197 9.34 19.39 -30.43
N LYS B 198 8.37 19.83 -29.65
CA LYS B 198 7.24 20.59 -30.21
C LYS B 198 7.18 22.00 -29.60
N GLY B 199 8.10 22.30 -28.70
CA GLY B 199 8.14 23.61 -28.05
C GLY B 199 7.07 23.74 -26.99
N ASP B 200 6.72 24.96 -26.65
CA ASP B 200 5.69 25.22 -25.63
C ASP B 200 4.29 25.08 -26.22
N LEU B 201 3.31 24.79 -25.37
CA LEU B 201 1.93 24.65 -25.81
C LEU B 201 0.88 24.73 -24.70
N LYS B 202 -0.26 25.31 -25.04
CA LYS B 202 -1.30 25.63 -24.06
C LYS B 202 -2.24 24.47 -23.79
N THR B 203 -2.56 24.24 -22.51
CA THR B 203 -3.39 23.11 -22.11
C THR B 203 -4.59 23.50 -21.23
N TYR B 204 -5.51 22.55 -21.07
CA TYR B 204 -6.73 22.77 -20.30
C TYR B 204 -7.08 21.57 -19.46
N PHE B 205 -7.84 21.81 -18.40
CA PHE B 205 -8.36 20.75 -17.56
C PHE B 205 -9.85 20.70 -17.80
N VAL B 206 -10.39 19.51 -17.92
CA VAL B 206 -11.83 19.36 -18.12
C VAL B 206 -12.53 19.57 -16.78
N ASN B 207 -13.75 20.12 -16.81
CA ASN B 207 -14.48 20.40 -15.59
C ASN B 207 -15.57 19.36 -15.32
N THR B 208 -15.87 19.15 -14.04
CA THR B 208 -16.96 18.26 -13.61
C THR B 208 -18.02 19.09 -12.89
N VAL C 36 2.11 -29.31 4.22
CA VAL C 36 3.13 -28.26 4.22
C VAL C 36 2.48 -26.89 4.52
N TYR C 37 2.04 -26.19 3.48
CA TYR C 37 1.43 -24.86 3.59
C TYR C 37 0.02 -24.92 4.20
N ARG C 38 -0.66 -26.02 3.98
CA ARG C 38 -2.04 -26.20 4.45
C ARG C 38 -2.16 -26.64 5.90
N ALA C 39 -1.10 -27.23 6.45
CA ALA C 39 -1.08 -27.68 7.83
C ALA C 39 -0.85 -26.52 8.81
N THR C 40 -0.87 -25.29 8.29
CA THR C 40 -0.66 -24.08 9.08
C THR C 40 -1.87 -23.16 8.98
N HIS C 41 -2.17 -22.47 10.08
CA HIS C 41 -3.30 -21.55 10.14
C HIS C 41 -2.84 -20.09 10.20
N ARG C 42 -3.01 -19.36 9.09
CA ARG C 42 -2.63 -17.96 9.05
C ARG C 42 -3.72 -17.01 9.56
N LEU C 43 -3.48 -16.47 10.77
CA LEU C 43 -4.42 -15.59 11.45
C LEU C 43 -4.05 -14.12 11.29
N LEU C 44 -5.05 -13.30 10.97
CA LEU C 44 -4.87 -11.88 10.76
C LEU C 44 -5.64 -11.12 11.83
N LEU C 45 -4.89 -10.36 12.62
CA LEU C 45 -5.45 -9.50 13.66
C LEU C 45 -5.80 -8.15 13.07
N LEU C 46 -7.08 -7.83 12.98
CA LEU C 46 -7.49 -6.53 12.47
C LEU C 46 -8.22 -5.80 13.58
N GLY C 47 -8.42 -4.50 13.38
CA GLY C 47 -9.06 -3.67 14.41
C GLY C 47 -8.47 -2.27 14.45
N ALA C 48 -9.20 -1.35 15.06
CA ALA C 48 -8.78 0.06 15.17
C ALA C 48 -7.51 0.25 16.03
N GLY C 49 -6.93 1.45 15.99
CA GLY C 49 -5.74 1.74 16.78
C GLY C 49 -5.94 1.66 18.28
N GLU C 50 -5.01 0.99 18.98
CA GLU C 50 -5.07 0.78 20.43
C GLU C 50 -6.17 -0.16 20.94
N SER C 51 -6.79 -0.89 20.02
CA SER C 51 -7.88 -1.82 20.36
C SER C 51 -7.37 -2.96 21.23
N GLY C 52 -6.14 -3.40 20.97
CA GLY C 52 -5.49 -4.43 21.77
C GLY C 52 -4.82 -5.57 21.01
N LYS C 53 -4.69 -5.42 19.69
CA LYS C 53 -4.12 -6.46 18.83
C LYS C 53 -2.70 -6.93 19.22
N SER C 54 -1.81 -5.97 19.46
CA SER C 54 -0.43 -6.29 19.78
C SER C 54 -0.34 -7.07 21.08
N THR C 55 -1.27 -6.78 21.99
CA THR C 55 -1.33 -7.45 23.27
C THR C 55 -1.65 -8.94 23.11
N ILE C 56 -2.53 -9.27 22.16
CA ILE C 56 -2.89 -10.67 21.93
C ILE C 56 -1.66 -11.47 21.50
N VAL C 57 -0.84 -10.88 20.62
CA VAL C 57 0.39 -11.53 20.17
C VAL C 57 1.34 -11.74 21.34
N LYS C 58 1.41 -10.74 22.23
CA LYS C 58 2.21 -10.85 23.45
C LYS C 58 1.76 -12.06 24.25
N GLN C 59 0.45 -12.16 24.50
CA GLN C 59 -0.10 -13.30 25.22
C GLN C 59 0.26 -14.63 24.57
N MET C 60 0.34 -14.65 23.23
CA MET C 60 0.72 -15.87 22.53
C MET C 60 2.17 -16.26 22.81
N ARG C 61 3.03 -15.27 23.01
CA ARG C 61 4.41 -15.55 23.40
C ARG C 61 4.48 -16.07 24.84
N ILE C 62 3.76 -15.40 25.74
CA ILE C 62 3.63 -15.84 27.12
C ILE C 62 3.24 -17.33 27.11
N LEU C 63 2.21 -17.65 26.32
CA LEU C 63 1.55 -18.94 26.36
C LEU C 63 2.15 -20.09 25.58
N HIS C 64 2.60 -19.85 24.35
CA HIS C 64 3.01 -20.94 23.49
C HIS C 64 4.41 -20.82 22.92
N VAL C 65 5.14 -19.79 23.30
CA VAL C 65 6.47 -19.60 22.75
C VAL C 65 7.61 -19.73 23.76
N ASN C 66 8.68 -20.39 23.31
CA ASN C 66 9.87 -20.64 24.12
C ASN C 66 10.61 -19.34 24.46
N GLY C 86 16.76 -11.35 29.16
CA GLY C 86 17.78 -10.61 28.44
C GLY C 86 17.21 -9.51 27.56
N GLU C 87 16.00 -9.75 27.03
CA GLU C 87 15.30 -8.78 26.18
C GLU C 87 14.37 -7.90 27.00
N LYS C 88 14.06 -8.35 28.21
CA LYS C 88 13.21 -7.59 29.12
C LYS C 88 13.90 -6.27 29.51
N ALA C 89 15.23 -6.23 29.33
CA ALA C 89 16.02 -5.06 29.65
C ALA C 89 15.67 -3.88 28.74
N THR C 90 15.58 -4.14 27.44
CA THR C 90 15.30 -3.09 26.47
C THR C 90 13.96 -2.41 26.69
N LYS C 91 12.96 -3.20 27.01
CA LYS C 91 11.60 -2.70 27.18
C LYS C 91 11.37 -1.82 28.41
N VAL C 92 12.37 -1.71 29.28
CA VAL C 92 12.25 -0.85 30.45
C VAL C 92 12.20 0.60 29.99
N GLN C 93 13.08 0.95 29.04
CA GLN C 93 13.09 2.27 28.46
C GLN C 93 11.68 2.69 28.03
N ASP C 94 11.02 1.81 27.29
CA ASP C 94 9.67 2.08 26.77
C ASP C 94 8.60 2.18 27.85
N ILE C 95 8.80 1.48 28.96
CA ILE C 95 7.89 1.57 30.09
C ILE C 95 8.05 2.93 30.77
N LYS C 96 9.29 3.38 30.90
CA LYS C 96 9.59 4.68 31.47
C LYS C 96 9.00 5.77 30.61
N ASN C 97 8.99 5.54 29.30
CA ASN C 97 8.40 6.48 28.36
C ASN C 97 6.88 6.58 28.55
N ASN C 98 6.23 5.47 28.81
CA ASN C 98 4.78 5.46 29.02
C ASN C 98 4.44 6.22 30.29
N LEU C 99 5.27 6.03 31.31
CA LEU C 99 5.10 6.73 32.58
C LEU C 99 5.17 8.24 32.37
N LYS C 100 6.19 8.67 31.62
CA LYS C 100 6.39 10.08 31.31
C LYS C 100 5.21 10.65 30.52
N GLU C 101 4.91 10.02 29.39
CA GLU C 101 3.83 10.45 28.51
C GLU C 101 2.52 10.56 29.28
N ALA C 102 2.28 9.64 30.21
CA ALA C 102 1.05 9.62 31.00
C ALA C 102 0.91 10.84 31.91
N ILE C 103 1.94 11.09 32.71
CA ILE C 103 1.91 12.19 33.65
C ILE C 103 1.76 13.55 32.95
N GLU C 104 2.60 13.79 31.95
CA GLU C 104 2.57 15.06 31.23
C GLU C 104 1.26 15.32 30.47
N THR C 105 0.61 14.26 30.01
CA THR C 105 -0.68 14.37 29.33
C THR C 105 -1.79 14.81 30.28
N ILE C 106 -1.75 14.32 31.52
CA ILE C 106 -2.76 14.69 32.47
C ILE C 106 -2.61 16.14 32.93
N VAL C 107 -1.37 16.57 33.17
CA VAL C 107 -1.16 17.95 33.63
C VAL C 107 -1.50 18.95 32.54
N ALA C 108 -1.03 18.68 31.31
CA ALA C 108 -1.34 19.53 30.16
C ALA C 108 -2.85 19.72 30.03
N ALA C 109 -3.60 18.63 30.16
CA ALA C 109 -5.05 18.67 30.04
C ALA C 109 -5.76 19.53 31.08
N MET C 110 -5.20 19.60 32.28
CA MET C 110 -5.85 20.31 33.39
C MET C 110 -6.36 21.69 33.03
N SER C 111 -5.51 22.46 32.36
CA SER C 111 -5.84 23.84 31.98
C SER C 111 -6.76 23.90 30.77
N ASN C 112 -6.53 23.02 29.81
CA ASN C 112 -7.29 23.01 28.58
C ASN C 112 -8.72 22.47 28.64
N LEU C 113 -9.06 21.79 29.73
CA LEU C 113 -10.43 21.32 29.92
C LEU C 113 -11.36 22.50 30.21
N VAL C 114 -12.66 22.26 30.07
CA VAL C 114 -13.67 23.27 30.34
C VAL C 114 -14.83 22.64 31.12
N PRO C 115 -15.00 23.01 32.39
CA PRO C 115 -14.17 23.96 33.13
C PRO C 115 -12.77 23.39 33.39
N PRO C 116 -11.77 24.27 33.51
CA PRO C 116 -10.41 23.83 33.77
C PRO C 116 -10.35 23.18 35.16
N VAL C 117 -9.21 22.56 35.48
CA VAL C 117 -9.06 21.87 36.76
C VAL C 117 -7.88 22.43 37.54
N GLU C 118 -8.11 22.79 38.80
CA GLU C 118 -7.08 23.37 39.65
C GLU C 118 -6.40 22.29 40.47
N LEU C 119 -5.20 22.59 40.93
CA LEU C 119 -4.50 21.67 41.83
C LEU C 119 -5.20 21.70 43.17
N ALA C 120 -5.04 20.65 43.96
CA ALA C 120 -5.60 20.63 45.31
C ALA C 120 -4.61 21.32 46.24
N ASN C 121 -3.34 21.34 45.84
CA ASN C 121 -2.26 21.97 46.60
C ASN C 121 -1.47 22.90 45.69
N PRO C 122 -1.59 24.22 45.90
CA PRO C 122 -0.92 25.29 45.16
C PRO C 122 0.58 25.09 45.02
N GLU C 123 1.15 24.37 45.97
CA GLU C 123 2.57 24.07 46.01
C GLU C 123 2.98 23.34 44.74
N ASN C 124 2.19 22.33 44.38
CA ASN C 124 2.48 21.44 43.24
C ASN C 124 2.62 22.14 41.90
N GLN C 125 2.28 23.43 41.87
CA GLN C 125 2.41 24.25 40.68
C GLN C 125 3.82 24.17 40.10
N PHE C 126 4.82 24.18 40.96
CA PHE C 126 6.21 24.13 40.53
C PHE C 126 6.57 22.79 39.91
N ARG C 127 5.96 21.71 40.42
CA ARG C 127 6.17 20.39 39.88
C ARG C 127 5.50 20.32 38.51
N VAL C 128 4.40 21.05 38.37
CA VAL C 128 3.70 21.18 37.09
C VAL C 128 4.62 21.87 36.08
N ASP C 129 5.27 22.95 36.52
CA ASP C 129 6.22 23.64 35.69
C ASP C 129 7.34 22.70 35.30
N TYR C 130 7.85 21.95 36.27
CA TYR C 130 8.93 21.02 36.02
C TYR C 130 8.57 20.01 34.93
N ILE C 131 7.39 19.42 35.06
CA ILE C 131 6.92 18.41 34.11
C ILE C 131 6.76 18.97 32.70
N LEU C 132 6.18 20.17 32.63
CA LEU C 132 5.91 20.82 31.36
C LEU C 132 7.21 21.23 30.68
N SER C 133 8.20 21.61 31.47
CA SER C 133 9.47 22.07 30.95
C SER C 133 10.30 20.97 30.27
N VAL C 134 10.19 19.72 30.75
CA VAL C 134 10.93 18.61 30.15
C VAL C 134 10.07 17.71 29.23
N MET C 135 8.91 18.23 28.82
CA MET C 135 7.95 17.47 28.03
C MET C 135 8.45 16.96 26.68
N ASN C 136 9.02 17.84 25.87
CA ASN C 136 9.44 17.44 24.54
C ASN C 136 10.92 17.09 24.45
N VAL C 137 11.57 16.95 25.61
CA VAL C 137 12.99 16.62 25.66
C VAL C 137 13.32 15.36 24.86
N PRO C 138 14.34 15.45 23.97
CA PRO C 138 14.78 14.33 23.13
C PRO C 138 15.12 13.09 23.97
N ASP C 139 16.39 12.92 24.32
CA ASP C 139 16.79 11.79 25.15
C ASP C 139 16.75 12.20 26.61
N PHE C 140 15.64 11.86 27.27
CA PHE C 140 15.45 12.24 28.67
C PHE C 140 16.18 11.28 29.63
N ASP C 141 16.86 11.85 30.64
CA ASP C 141 17.69 11.08 31.59
C ASP C 141 16.92 10.23 32.58
N PHE C 142 15.70 10.67 32.89
CA PHE C 142 14.90 10.08 33.96
C PHE C 142 15.66 10.18 35.30
N PRO C 143 16.09 11.41 35.65
CA PRO C 143 16.83 11.63 36.90
C PRO C 143 15.93 11.36 38.11
N PRO C 144 16.54 11.09 39.28
CA PRO C 144 15.79 10.81 40.51
C PRO C 144 14.65 11.78 40.84
N GLU C 145 14.83 13.07 40.52
CA GLU C 145 13.84 14.13 40.76
C GLU C 145 12.55 13.88 39.99
N PHE C 146 12.70 13.44 38.75
CA PHE C 146 11.55 13.22 37.89
C PHE C 146 10.48 12.37 38.58
N TYR C 147 10.91 11.28 39.19
CA TYR C 147 10.00 10.36 39.86
C TYR C 147 9.33 10.96 41.09
N GLU C 148 10.08 11.79 41.82
CA GLU C 148 9.54 12.45 43.00
C GLU C 148 8.46 13.45 42.58
N HIS C 149 8.74 14.21 41.52
CA HIS C 149 7.82 15.25 41.05
C HIS C 149 6.59 14.60 40.48
N ALA C 150 6.83 13.59 39.65
CA ALA C 150 5.78 12.83 39.01
C ALA C 150 4.84 12.22 40.05
N LYS C 151 5.41 11.57 41.06
CA LYS C 151 4.61 10.92 42.09
C LYS C 151 3.80 11.89 42.92
N ALA C 152 4.44 12.97 43.35
CA ALA C 152 3.77 14.02 44.12
C ALA C 152 2.54 14.51 43.39
N LEU C 153 2.69 14.74 42.09
CA LEU C 153 1.58 15.17 41.26
C LEU C 153 0.43 14.17 41.26
N TRP C 154 0.77 12.89 41.17
CA TRP C 154 -0.22 11.80 41.12
C TRP C 154 -0.94 11.67 42.46
N GLU C 155 -0.30 12.15 43.53
CA GLU C 155 -0.93 12.14 44.85
C GLU C 155 -1.93 13.28 44.94
N ASP C 156 -1.66 14.38 44.24
CA ASP C 156 -2.52 15.55 44.28
C ASP C 156 -3.93 15.19 43.83
N GLU C 157 -4.89 15.44 44.72
CA GLU C 157 -6.29 15.10 44.47
C GLU C 157 -6.90 15.79 43.25
N GLY C 158 -6.46 17.02 42.99
CA GLY C 158 -6.94 17.77 41.84
C GLY C 158 -6.40 17.25 40.52
N VAL C 159 -5.29 16.54 40.57
CA VAL C 159 -4.72 15.93 39.36
C VAL C 159 -5.53 14.69 38.99
N ARG C 160 -5.89 13.91 40.00
CA ARG C 160 -6.71 12.70 39.78
C ARG C 160 -8.10 13.06 39.28
N ALA C 161 -8.56 14.26 39.65
CA ALA C 161 -9.85 14.77 39.19
C ALA C 161 -9.81 14.91 37.68
N CYS C 162 -8.66 15.38 37.18
CA CYS C 162 -8.42 15.55 35.76
C CYS C 162 -8.25 14.19 35.06
N TYR C 163 -7.70 13.22 35.77
CA TYR C 163 -7.55 11.87 35.26
C TYR C 163 -8.90 11.21 35.02
N GLU C 164 -9.86 11.50 35.90
CA GLU C 164 -11.20 10.93 35.78
C GLU C 164 -11.95 11.43 34.54
N ARG C 165 -11.52 12.56 34.00
CA ARG C 165 -12.15 13.15 32.82
C ARG C 165 -11.31 12.88 31.56
N SER C 166 -10.51 11.82 31.60
CA SER C 166 -9.54 11.55 30.54
C SER C 166 -10.13 11.20 29.18
N ASN C 167 -11.40 10.80 29.18
CA ASN C 167 -12.11 10.53 27.93
C ASN C 167 -12.22 11.82 27.09
N GLU C 168 -12.05 12.95 27.75
CA GLU C 168 -12.11 14.27 27.13
C GLU C 168 -10.79 14.67 26.48
N TYR C 169 -9.83 13.76 26.48
CA TYR C 169 -8.58 13.98 25.77
C TYR C 169 -7.97 12.63 25.43
N GLN C 170 -6.76 12.62 24.89
CA GLN C 170 -6.11 11.36 24.51
C GLN C 170 -5.10 10.92 25.56
N LEU C 171 -5.40 9.82 26.23
CA LEU C 171 -4.55 9.29 27.28
C LEU C 171 -4.30 7.77 27.11
N ILE C 172 -3.05 7.33 27.18
CA ILE C 172 -2.75 5.90 27.04
C ILE C 172 -3.36 5.05 28.14
N ASP C 173 -3.62 3.79 27.82
CA ASP C 173 -4.35 2.87 28.69
C ASP C 173 -3.60 2.49 29.95
N CYS C 174 -2.28 2.38 29.83
CA CYS C 174 -1.43 1.94 30.92
C CYS C 174 -1.14 3.01 31.96
N ALA C 175 -1.87 4.12 31.91
CA ALA C 175 -1.65 5.26 32.81
C ALA C 175 -1.71 4.93 34.30
N GLN C 176 -2.92 4.77 34.84
CA GLN C 176 -3.09 4.46 36.25
C GLN C 176 -2.20 3.31 36.74
N TYR C 177 -2.08 2.27 35.93
CA TYR C 177 -1.29 1.09 36.27
C TYR C 177 0.14 1.46 36.59
N PHE C 178 0.78 2.15 35.65
CA PHE C 178 2.18 2.53 35.81
C PHE C 178 2.42 3.60 36.85
N LEU C 179 1.57 4.62 36.87
CA LEU C 179 1.72 5.71 37.82
C LEU C 179 1.62 5.18 39.24
N ASP C 180 0.79 4.17 39.43
CA ASP C 180 0.61 3.57 40.75
C ASP C 180 1.86 2.82 41.25
N LYS C 181 2.80 2.54 40.36
CA LYS C 181 4.01 1.83 40.76
C LYS C 181 5.31 2.51 40.34
N ILE C 182 5.37 3.81 40.61
CA ILE C 182 6.53 4.64 40.29
C ILE C 182 7.78 4.23 41.08
N ASP C 183 7.57 3.88 42.34
CA ASP C 183 8.67 3.54 43.23
C ASP C 183 9.26 2.20 42.86
N VAL C 184 8.46 1.38 42.19
CA VAL C 184 8.90 0.09 41.69
C VAL C 184 9.75 0.33 40.43
N ILE C 185 9.26 1.22 39.57
CA ILE C 185 9.84 1.45 38.25
C ILE C 185 11.12 2.28 38.27
N LYS C 186 11.26 3.14 39.27
CA LYS C 186 12.43 3.98 39.34
C LYS C 186 13.71 3.22 39.73
N GLN C 187 13.57 2.09 40.42
CA GLN C 187 14.71 1.25 40.81
C GLN C 187 15.60 0.96 39.62
N ASP C 188 16.91 1.05 39.84
CA ASP C 188 17.88 0.88 38.76
C ASP C 188 18.26 -0.58 38.58
N ASP C 189 17.72 -1.42 39.46
CA ASP C 189 17.86 -2.86 39.34
C ASP C 189 16.50 -3.43 38.96
N TYR C 190 15.57 -2.54 38.62
CA TYR C 190 14.20 -2.91 38.30
C TYR C 190 14.08 -3.88 37.10
N VAL C 191 13.30 -4.94 37.33
CA VAL C 191 13.01 -5.93 36.29
C VAL C 191 11.49 -5.99 36.08
N PRO C 192 11.04 -5.68 34.85
CA PRO C 192 9.61 -5.67 34.47
C PRO C 192 8.95 -7.01 34.66
N SER C 193 7.81 -7.02 35.34
CA SER C 193 7.04 -8.25 35.47
C SER C 193 6.42 -8.54 34.11
N ASP C 194 5.76 -9.68 33.98
CA ASP C 194 5.07 -10.01 32.74
C ASP C 194 3.87 -9.11 32.50
N GLN C 195 3.17 -8.79 33.58
CA GLN C 195 2.01 -7.93 33.50
C GLN C 195 2.40 -6.52 33.06
N ASP C 196 3.66 -6.15 33.31
CA ASP C 196 4.21 -4.85 32.88
C ASP C 196 4.42 -4.83 31.37
N LEU C 197 4.91 -5.94 30.83
CA LEU C 197 5.15 -6.04 29.41
C LEU C 197 3.84 -6.01 28.64
N LEU C 198 2.81 -6.62 29.22
CA LEU C 198 1.47 -6.62 28.64
C LEU C 198 0.86 -5.21 28.62
N ARG C 199 1.17 -4.43 29.64
CA ARG C 199 0.69 -3.04 29.76
C ARG C 199 1.46 -2.04 28.88
N CYS C 200 2.73 -2.31 28.64
CA CYS C 200 3.58 -1.39 27.89
C CYS C 200 3.00 -1.08 26.52
N ARG C 201 2.73 0.19 26.26
CA ARG C 201 2.09 0.62 25.02
C ARG C 201 3.07 1.14 23.97
N VAL C 202 3.20 0.40 22.87
CA VAL C 202 3.97 0.87 21.72
C VAL C 202 3.13 0.70 20.46
N LEU C 203 3.03 1.80 19.71
CA LEU C 203 2.23 1.81 18.50
C LEU C 203 2.88 0.96 17.42
N THR C 204 2.03 0.25 16.70
CA THR C 204 2.48 -0.65 15.65
C THR C 204 2.36 0.06 14.31
N SER C 205 3.43 0.01 13.53
CA SER C 205 3.39 0.50 12.17
C SER C 205 4.11 -0.51 11.29
N GLY C 206 3.35 -1.13 10.40
CA GLY C 206 3.90 -2.17 9.54
C GLY C 206 3.17 -3.47 9.83
N ILE C 207 3.66 -4.56 9.25
CA ILE C 207 3.06 -5.89 9.47
C ILE C 207 4.13 -6.80 10.07
N PHE C 208 3.78 -7.43 11.18
CA PHE C 208 4.72 -8.28 11.91
C PHE C 208 4.16 -9.68 12.09
N GLU C 209 4.92 -10.67 11.62
CA GLU C 209 4.51 -12.06 11.70
C GLU C 209 5.05 -12.77 12.92
N THR C 210 4.20 -13.52 13.59
CA THR C 210 4.61 -14.33 14.73
C THR C 210 4.24 -15.77 14.45
N LYS C 211 5.15 -16.69 14.78
CA LYS C 211 4.91 -18.11 14.59
C LYS C 211 4.82 -18.82 15.94
N PHE C 212 3.93 -19.80 16.03
CA PHE C 212 3.90 -20.65 17.21
C PHE C 212 3.28 -22.02 16.90
N GLN C 213 3.29 -22.90 17.89
CA GLN C 213 2.79 -24.25 17.71
C GLN C 213 1.98 -24.60 18.93
N VAL C 214 0.81 -25.22 18.72
CA VAL C 214 -0.03 -25.67 19.85
C VAL C 214 -0.52 -27.11 19.65
N ASP C 215 0.07 -28.03 20.43
CA ASP C 215 -0.16 -29.46 20.30
C ASP C 215 0.23 -29.90 18.89
N LYS C 216 1.36 -29.36 18.45
CA LYS C 216 1.92 -29.60 17.13
C LYS C 216 1.12 -29.01 15.97
N VAL C 217 0.16 -28.17 16.30
CA VAL C 217 -0.61 -27.47 15.28
C VAL C 217 0.09 -26.12 15.07
N ASN C 218 0.24 -25.70 13.83
CA ASN C 218 0.97 -24.46 13.55
C ASN C 218 0.13 -23.22 13.35
N PHE C 219 0.68 -22.10 13.78
CA PHE C 219 0.00 -20.82 13.65
C PHE C 219 0.97 -19.76 13.12
N HIS C 220 0.45 -18.92 12.22
CA HIS C 220 1.17 -17.76 11.70
C HIS C 220 0.26 -16.58 11.95
N MET C 221 0.61 -15.79 12.94
CA MET C 221 -0.19 -14.64 13.34
C MET C 221 0.37 -13.34 12.74
N PHE C 222 -0.52 -12.49 12.23
CA PHE C 222 -0.11 -11.23 11.61
C PHE C 222 -0.62 -10.03 12.38
N ASP C 223 0.32 -9.19 12.80
CA ASP C 223 -0.01 -7.97 13.52
C ASP C 223 0.15 -6.74 12.62
N VAL C 224 -0.84 -5.84 12.68
CA VAL C 224 -0.87 -4.66 11.83
C VAL C 224 -1.23 -3.37 12.60
N GLY C 225 -0.95 -2.23 11.98
CA GLY C 225 -1.37 -0.97 12.57
C GLY C 225 -2.85 -0.75 12.35
N GLY C 226 -3.55 -0.34 13.40
CA GLY C 226 -4.99 -0.15 13.30
C GLY C 226 -5.42 1.27 13.03
N GLN C 227 -4.46 2.20 13.06
CA GLN C 227 -4.76 3.59 12.77
C GLN C 227 -4.92 3.82 11.27
N ARG C 228 -5.67 4.85 10.90
CA ARG C 228 -6.08 5.04 9.52
C ARG C 228 -4.99 4.95 8.46
N ASP C 229 -3.88 5.65 8.67
CA ASP C 229 -2.75 5.64 7.72
C ASP C 229 -2.20 4.24 7.48
N GLU C 230 -2.42 3.38 8.47
CA GLU C 230 -1.87 2.04 8.48
C GLU C 230 -2.76 1.01 7.78
N ARG C 231 -4.05 1.31 7.70
CA ARG C 231 -5.02 0.36 7.17
C ARG C 231 -4.76 -0.05 5.73
N ARG C 232 -3.98 0.76 5.03
CA ARG C 232 -3.64 0.49 3.63
C ARG C 232 -2.69 -0.70 3.43
N LYS C 233 -2.10 -1.19 4.51
CA LYS C 233 -1.17 -2.31 4.40
C LYS C 233 -1.88 -3.64 4.58
N TRP C 234 -3.05 -3.62 5.22
CA TRP C 234 -3.85 -4.82 5.51
C TRP C 234 -4.02 -5.76 4.32
N ILE C 235 -4.28 -5.15 3.17
CA ILE C 235 -4.50 -5.86 1.91
C ILE C 235 -3.51 -6.99 1.67
N GLN C 236 -2.24 -6.77 2.03
CA GLN C 236 -1.17 -7.72 1.75
C GLN C 236 -1.22 -9.02 2.55
N CYS C 237 -2.32 -9.22 3.27
CA CYS C 237 -2.54 -10.42 4.07
C CYS C 237 -3.89 -11.06 3.80
N PHE C 238 -4.71 -10.38 3.00
CA PHE C 238 -6.07 -10.84 2.70
C PHE C 238 -6.12 -12.18 1.96
N ASN C 239 -5.19 -12.38 1.04
CA ASN C 239 -5.12 -13.61 0.27
C ASN C 239 -4.35 -14.62 1.12
N ASP C 240 -4.88 -15.84 1.20
CA ASP C 240 -4.30 -16.93 1.99
C ASP C 240 -4.60 -16.88 3.49
N VAL C 241 -5.47 -15.97 3.92
CA VAL C 241 -5.82 -15.89 5.33
C VAL C 241 -6.81 -16.99 5.73
N THR C 242 -6.54 -17.62 6.86
CA THR C 242 -7.38 -18.68 7.39
C THR C 242 -8.58 -18.08 8.12
N ALA C 243 -8.33 -17.09 8.97
CA ALA C 243 -9.41 -16.44 9.71
C ALA C 243 -9.01 -15.09 10.22
N ILE C 244 -10.02 -14.24 10.40
CA ILE C 244 -9.83 -12.90 10.93
C ILE C 244 -10.11 -12.90 12.43
N ILE C 245 -9.26 -12.21 13.18
CA ILE C 245 -9.51 -11.96 14.58
C ILE C 245 -9.60 -10.45 14.67
N PHE C 246 -10.83 -9.98 14.71
CA PHE C 246 -11.11 -8.55 14.75
C PHE C 246 -11.20 -8.12 16.20
N VAL C 247 -10.40 -7.13 16.57
CA VAL C 247 -10.30 -6.68 17.95
C VAL C 247 -11.01 -5.34 18.21
N VAL C 248 -11.72 -5.25 19.33
CA VAL C 248 -12.53 -4.06 19.64
C VAL C 248 -12.33 -3.62 21.09
N ALA C 249 -12.13 -2.32 21.30
CA ALA C 249 -12.08 -1.77 22.65
C ALA C 249 -13.50 -1.47 23.16
N SER C 250 -14.11 -2.44 23.84
CA SER C 250 -15.46 -2.32 24.35
C SER C 250 -15.69 -1.10 25.25
N SER C 251 -14.67 -0.76 26.03
CA SER C 251 -14.75 0.32 27.02
C SER C 251 -14.78 1.73 26.43
N SER C 252 -14.30 1.89 25.21
CA SER C 252 -14.15 3.20 24.59
C SER C 252 -15.43 3.84 24.00
N TYR C 253 -16.59 3.56 24.59
CA TYR C 253 -17.83 4.14 24.09
C TYR C 253 -17.94 5.65 24.37
N ASN C 254 -17.14 6.12 25.33
CA ASN C 254 -17.17 7.51 25.76
C ASN C 254 -15.98 8.30 25.23
N MET C 255 -15.33 7.75 24.20
CA MET C 255 -14.09 8.32 23.69
C MET C 255 -14.12 8.52 22.18
N VAL C 256 -13.31 9.48 21.71
CA VAL C 256 -13.14 9.73 20.28
C VAL C 256 -11.75 9.27 19.84
N ILE C 257 -11.55 9.05 18.54
CA ILE C 257 -10.27 8.57 18.03
C ILE C 257 -9.24 9.69 17.99
N ARG C 258 -7.97 9.31 17.98
CA ARG C 258 -6.88 10.28 17.95
C ARG C 258 -6.92 11.06 16.64
N GLU C 259 -7.10 10.31 15.54
CA GLU C 259 -6.99 10.82 14.17
C GLU C 259 -7.72 12.12 13.85
N ASP C 260 -8.78 12.42 14.59
CA ASP C 260 -9.49 13.68 14.35
C ASP C 260 -10.09 14.30 15.60
N ASN C 261 -10.02 13.59 16.73
CA ASN C 261 -10.60 14.07 17.98
C ASN C 261 -12.08 14.36 17.93
N GLN C 262 -12.81 13.61 17.09
CA GLN C 262 -14.25 13.79 16.91
C GLN C 262 -15.02 12.50 16.68
N THR C 263 -14.46 11.60 15.88
CA THR C 263 -15.10 10.32 15.56
C THR C 263 -15.09 9.44 16.80
N ASN C 264 -16.26 9.00 17.24
CA ASN C 264 -16.41 8.12 18.42
C ASN C 264 -15.70 6.79 18.18
N ARG C 265 -14.89 6.35 19.14
CA ARG C 265 -14.06 5.14 19.00
C ARG C 265 -14.84 3.86 18.75
N LEU C 266 -15.97 3.69 19.44
CA LEU C 266 -16.82 2.52 19.23
C LEU C 266 -17.45 2.61 17.85
N GLN C 267 -17.96 3.78 17.47
CA GLN C 267 -18.51 3.99 16.13
C GLN C 267 -17.50 3.68 15.02
N GLU C 268 -16.29 4.21 15.15
CA GLU C 268 -15.20 3.92 14.21
C GLU C 268 -14.95 2.40 14.12
N ALA C 269 -15.09 1.71 15.26
CA ALA C 269 -14.89 0.26 15.27
C ALA C 269 -16.00 -0.46 14.47
N LEU C 270 -17.24 -0.04 14.68
CA LEU C 270 -18.39 -0.57 13.95
C LEU C 270 -18.23 -0.37 12.43
N ASN C 271 -17.93 0.86 12.03
CA ASN C 271 -17.72 1.22 10.63
C ASN C 271 -16.60 0.42 9.98
N LEU C 272 -15.52 0.22 10.73
CA LEU C 272 -14.36 -0.55 10.27
C LEU C 272 -14.68 -2.04 10.14
N PHE C 273 -15.52 -2.53 11.05
CA PHE C 273 -15.98 -3.93 11.06
C PHE C 273 -16.82 -4.15 9.81
N LYS C 274 -17.76 -3.24 9.57
CA LYS C 274 -18.61 -3.29 8.39
C LYS C 274 -17.78 -3.37 7.10
N SER C 275 -16.70 -2.58 7.04
CA SER C 275 -15.82 -2.58 5.87
C SER C 275 -15.16 -3.92 5.63
N ILE C 276 -14.76 -4.56 6.72
CA ILE C 276 -14.09 -5.85 6.68
C ILE C 276 -15.10 -6.96 6.37
N TRP C 277 -16.24 -6.92 7.04
CA TRP C 277 -17.29 -7.91 6.88
C TRP C 277 -17.83 -7.97 5.43
N ASN C 278 -18.14 -6.80 4.89
CA ASN C 278 -18.68 -6.71 3.54
C ASN C 278 -17.56 -6.46 2.54
N ASN C 279 -16.34 -6.87 2.88
CA ASN C 279 -15.22 -6.65 1.98
C ASN C 279 -15.31 -7.63 0.82
N ARG C 280 -14.96 -7.16 -0.38
CA ARG C 280 -15.07 -7.96 -1.61
C ARG C 280 -14.04 -9.07 -1.71
N TRP C 281 -12.99 -8.96 -0.91
CA TRP C 281 -11.94 -9.96 -0.93
C TRP C 281 -12.00 -10.85 0.30
N LEU C 282 -13.04 -10.66 1.11
CA LEU C 282 -13.19 -11.41 2.35
C LEU C 282 -14.55 -12.12 2.46
N ARG C 283 -15.16 -12.43 1.32
CA ARG C 283 -16.48 -13.08 1.23
C ARG C 283 -16.57 -14.46 1.92
N THR C 284 -15.49 -15.22 1.81
CA THR C 284 -15.33 -16.58 2.35
C THR C 284 -14.92 -16.58 3.82
N ILE C 285 -14.13 -15.58 4.21
CA ILE C 285 -13.46 -15.52 5.51
C ILE C 285 -14.36 -15.19 6.70
N SER C 286 -14.30 -16.05 7.72
CA SER C 286 -15.04 -15.84 8.97
C SER C 286 -14.25 -15.01 9.98
N VAL C 287 -14.99 -14.28 10.79
CA VAL C 287 -14.42 -13.37 11.76
C VAL C 287 -14.59 -13.87 13.17
N ILE C 288 -13.49 -13.91 13.91
CA ILE C 288 -13.52 -14.15 15.34
C ILE C 288 -13.44 -12.79 16.02
N LEU C 289 -14.58 -12.35 16.52
CA LEU C 289 -14.74 -11.04 17.12
C LEU C 289 -14.36 -11.04 18.60
N PHE C 290 -13.25 -10.37 18.92
CA PHE C 290 -12.84 -10.19 20.31
C PHE C 290 -13.35 -8.85 20.82
N LEU C 291 -14.32 -8.91 21.72
CA LEU C 291 -14.80 -7.70 22.39
C LEU C 291 -13.92 -7.46 23.62
N ASN C 292 -12.82 -6.76 23.37
CA ASN C 292 -11.73 -6.61 24.31
C ASN C 292 -11.98 -5.52 25.38
N LYS C 293 -11.16 -5.55 26.42
CA LYS C 293 -11.22 -4.59 27.53
C LYS C 293 -12.54 -4.68 28.31
N GLN C 294 -12.93 -5.91 28.65
CA GLN C 294 -14.16 -6.18 29.38
C GLN C 294 -14.09 -5.68 30.84
N ASP C 295 -12.87 -5.64 31.36
CA ASP C 295 -12.57 -5.13 32.70
C ASP C 295 -12.84 -3.63 32.80
N LEU C 296 -12.25 -2.86 31.90
CA LEU C 296 -12.43 -1.42 31.86
C LEU C 296 -13.89 -1.05 31.64
N LEU C 297 -14.56 -1.81 30.78
CA LEU C 297 -15.98 -1.63 30.51
C LEU C 297 -16.78 -1.68 31.80
N ALA C 298 -16.64 -2.80 32.50
CA ALA C 298 -17.35 -3.05 33.76
C ALA C 298 -17.12 -1.93 34.76
N GLU C 299 -15.88 -1.50 34.89
CA GLU C 299 -15.53 -0.46 35.84
C GLU C 299 -16.28 0.84 35.54
N LYS C 300 -16.41 1.15 34.25
CA LYS C 300 -17.11 2.34 33.77
C LYS C 300 -18.62 2.23 33.98
N VAL C 301 -19.13 1.02 33.86
CA VAL C 301 -20.55 0.73 34.04
C VAL C 301 -20.97 0.88 35.50
N LEU C 302 -20.14 0.34 36.39
CA LEU C 302 -20.40 0.35 37.83
C LEU C 302 -20.17 1.75 38.39
N ALA C 303 -19.13 2.41 37.87
CA ALA C 303 -18.82 3.79 38.26
C ALA C 303 -20.05 4.66 38.00
N GLY C 304 -20.82 4.32 36.98
CA GLY C 304 -22.03 5.06 36.66
C GLY C 304 -21.84 6.52 36.33
N LYS C 305 -20.61 6.95 36.08
CA LYS C 305 -20.32 8.35 35.76
C LYS C 305 -20.85 8.70 34.37
N SER C 306 -20.24 8.15 33.33
CA SER C 306 -20.74 8.36 31.97
C SER C 306 -21.60 7.18 31.48
N LYS C 307 -22.84 7.50 31.13
CA LYS C 307 -23.83 6.52 30.70
C LYS C 307 -23.70 6.16 29.22
N ILE C 308 -23.92 4.88 28.91
CA ILE C 308 -23.85 4.44 27.52
C ILE C 308 -24.99 5.04 26.69
N GLU C 309 -26.17 5.17 27.28
CA GLU C 309 -27.32 5.71 26.58
C GLU C 309 -27.08 7.12 26.01
N ASP C 310 -26.06 7.81 26.51
CA ASP C 310 -25.75 9.17 26.07
C ASP C 310 -24.88 9.24 24.81
N TYR C 311 -24.17 8.15 24.51
CA TYR C 311 -23.33 8.07 23.31
C TYR C 311 -23.96 7.21 22.22
N PHE C 312 -24.79 6.25 22.64
CA PHE C 312 -25.51 5.35 21.75
C PHE C 312 -26.92 5.28 22.34
N PRO C 313 -27.80 6.22 21.93
CA PRO C 313 -29.18 6.30 22.40
C PRO C 313 -30.00 5.01 22.29
N GLU C 314 -29.64 4.16 21.34
CA GLU C 314 -30.30 2.87 21.14
C GLU C 314 -30.18 1.94 22.35
N PHE C 315 -29.12 2.12 23.13
CA PHE C 315 -28.95 1.36 24.36
C PHE C 315 -30.16 1.55 25.28
N ALA C 316 -30.88 2.65 25.09
CA ALA C 316 -32.08 2.93 25.86
C ALA C 316 -33.19 1.90 25.58
N ARG C 317 -33.27 1.43 24.33
CA ARG C 317 -34.27 0.43 23.95
C ARG C 317 -33.89 -0.96 24.46
N TYR C 318 -32.60 -1.19 24.62
CA TYR C 318 -32.06 -2.51 24.88
C TYR C 318 -32.49 -3.20 26.17
N THR C 319 -32.98 -4.43 26.05
CA THR C 319 -33.17 -5.29 27.22
C THR C 319 -32.29 -6.51 26.98
N THR C 320 -31.80 -7.09 28.07
CA THR C 320 -30.84 -8.17 27.98
C THR C 320 -31.42 -9.45 27.39
N PRO C 321 -30.65 -10.13 26.50
CA PRO C 321 -31.05 -11.36 25.81
C PRO C 321 -31.33 -12.60 26.68
N GLU C 322 -31.95 -13.60 26.07
CA GLU C 322 -32.29 -14.86 26.73
C GLU C 322 -31.07 -15.74 26.94
N ASP C 323 -30.40 -16.04 25.83
CA ASP C 323 -29.23 -16.91 25.81
C ASP C 323 -28.03 -16.35 26.60
N ALA C 324 -28.19 -15.14 27.13
CA ALA C 324 -27.14 -14.49 27.90
C ALA C 324 -26.62 -15.40 28.99
N THR C 325 -25.31 -15.61 29.02
CA THR C 325 -24.70 -16.45 30.04
C THR C 325 -23.75 -15.61 30.89
N PRO C 326 -24.30 -14.88 31.88
CA PRO C 326 -23.50 -14.02 32.75
C PRO C 326 -22.44 -14.80 33.51
N GLU C 327 -21.34 -14.12 33.84
CA GLU C 327 -20.28 -14.71 34.64
C GLU C 327 -20.74 -14.82 36.09
N PRO C 328 -20.04 -15.64 36.89
CA PRO C 328 -20.40 -15.81 38.31
C PRO C 328 -20.22 -14.48 39.06
N GLY C 329 -21.30 -13.97 39.64
CA GLY C 329 -21.24 -12.72 40.38
C GLY C 329 -21.06 -11.48 39.52
N GLU C 330 -21.64 -11.50 38.34
CA GLU C 330 -21.57 -10.38 37.40
C GLU C 330 -22.83 -9.54 37.50
N ASP C 331 -22.65 -8.24 37.72
CA ASP C 331 -23.77 -7.32 37.85
C ASP C 331 -24.62 -7.35 36.55
N PRO C 332 -25.95 -7.45 36.69
CA PRO C 332 -26.89 -7.50 35.57
C PRO C 332 -26.75 -6.34 34.57
N ARG C 333 -26.27 -5.21 35.08
CA ARG C 333 -26.05 -4.03 34.24
C ARG C 333 -24.78 -4.19 33.40
N VAL C 334 -23.79 -4.86 33.96
CA VAL C 334 -22.58 -5.16 33.20
C VAL C 334 -22.92 -6.14 32.09
N THR C 335 -23.73 -7.13 32.43
CA THR C 335 -24.18 -8.13 31.47
C THR C 335 -24.89 -7.40 30.34
N ARG C 336 -25.90 -6.62 30.72
CA ARG C 336 -26.70 -5.86 29.78
C ARG C 336 -25.82 -5.01 28.84
N ALA C 337 -24.82 -4.34 29.40
CA ALA C 337 -23.93 -3.50 28.61
C ALA C 337 -23.08 -4.29 27.60
N LYS C 338 -22.32 -5.25 28.08
CA LYS C 338 -21.41 -6.01 27.22
C LYS C 338 -22.16 -6.73 26.10
N TYR C 339 -23.33 -7.26 26.41
CA TYR C 339 -24.13 -7.91 25.39
C TYR C 339 -24.66 -6.91 24.38
N PHE C 340 -25.00 -5.71 24.84
CA PHE C 340 -25.47 -4.66 23.94
C PHE C 340 -24.40 -4.38 22.91
N ILE C 341 -23.18 -4.18 23.39
CA ILE C 341 -22.05 -3.92 22.52
C ILE C 341 -21.83 -5.06 21.53
N ARG C 342 -22.01 -6.30 21.99
CA ARG C 342 -21.85 -7.45 21.09
C ARG C 342 -22.92 -7.40 20.00
N ASP C 343 -24.15 -7.09 20.39
CA ASP C 343 -25.27 -7.12 19.48
C ASP C 343 -25.22 -6.04 18.39
N GLU C 344 -24.45 -4.98 18.65
CA GLU C 344 -24.25 -3.93 17.66
C GLU C 344 -23.44 -4.46 16.48
N PHE C 345 -22.51 -5.37 16.78
CA PHE C 345 -21.66 -5.99 15.77
C PHE C 345 -22.37 -7.13 15.10
N LEU C 346 -23.25 -7.80 15.85
CA LEU C 346 -24.03 -8.91 15.28
C LEU C 346 -25.07 -8.44 14.27
N ARG C 347 -25.61 -7.25 14.48
CA ARG C 347 -26.53 -6.65 13.51
C ARG C 347 -25.86 -6.46 12.16
N ILE C 348 -24.56 -6.18 12.16
CA ILE C 348 -23.79 -5.94 10.94
C ILE C 348 -23.54 -7.25 10.21
N SER C 349 -23.09 -8.26 10.94
CA SER C 349 -22.81 -9.58 10.36
C SER C 349 -24.07 -10.34 9.93
N THR C 350 -25.18 -10.14 10.65
CA THR C 350 -26.45 -10.81 10.34
C THR C 350 -26.99 -10.35 8.99
N ALA C 351 -26.89 -9.06 8.72
CA ALA C 351 -27.49 -8.45 7.54
C ALA C 351 -26.84 -8.78 6.20
N SER C 352 -25.90 -9.73 6.15
CA SER C 352 -25.25 -10.13 4.89
C SER C 352 -24.19 -11.22 5.11
N GLY C 353 -23.83 -11.93 4.05
CA GLY C 353 -22.84 -12.99 4.20
C GLY C 353 -23.34 -14.32 3.67
N ASP C 354 -24.65 -14.58 3.82
CA ASP C 354 -25.34 -15.72 3.22
C ASP C 354 -24.73 -17.09 3.52
N GLY C 355 -24.50 -17.40 4.79
CA GLY C 355 -23.87 -18.65 5.13
C GLY C 355 -22.58 -18.92 4.35
N ARG C 356 -21.92 -17.86 3.87
CA ARG C 356 -20.69 -17.97 3.11
C ARG C 356 -19.48 -17.82 4.04
N HIS C 357 -19.70 -17.09 5.14
CA HIS C 357 -18.73 -16.91 6.21
C HIS C 357 -19.52 -16.59 7.48
N TYR C 358 -18.88 -16.66 8.66
CA TYR C 358 -19.58 -16.52 9.93
C TYR C 358 -18.87 -15.64 10.96
N CYS C 359 -19.60 -15.22 12.00
CA CYS C 359 -19.01 -14.42 13.07
C CYS C 359 -19.15 -15.06 14.46
N TYR C 360 -18.02 -15.24 15.14
CA TYR C 360 -17.99 -15.87 16.46
C TYR C 360 -17.49 -14.87 17.52
N PRO C 361 -18.40 -14.32 18.35
CA PRO C 361 -18.03 -13.36 19.39
C PRO C 361 -17.42 -14.00 20.63
N HIS C 362 -16.59 -13.22 21.33
CA HIS C 362 -15.95 -13.64 22.57
C HIS C 362 -15.73 -12.38 23.40
N PHE C 363 -16.22 -12.37 24.64
CA PHE C 363 -15.92 -11.27 25.56
C PHE C 363 -14.49 -11.48 26.05
N THR C 364 -13.61 -10.52 25.83
CA THR C 364 -12.20 -10.71 26.19
C THR C 364 -11.55 -9.60 27.00
N CYS C 365 -10.34 -9.89 27.48
CA CYS C 365 -9.50 -8.95 28.21
C CYS C 365 -8.06 -9.38 27.92
N ALA C 366 -7.39 -8.64 27.06
CA ALA C 366 -6.06 -9.03 26.59
C ALA C 366 -4.96 -9.01 27.64
N VAL C 367 -5.10 -8.14 28.64
CA VAL C 367 -4.09 -8.06 29.70
C VAL C 367 -4.14 -9.28 30.64
N ASP C 368 -5.30 -9.96 30.66
CA ASP C 368 -5.52 -11.13 31.52
C ASP C 368 -5.14 -12.41 30.78
N THR C 369 -3.97 -12.96 31.12
CA THR C 369 -3.41 -14.14 30.45
C THR C 369 -4.29 -15.36 30.60
N GLU C 370 -5.14 -15.34 31.61
CA GLU C 370 -5.98 -16.49 31.93
C GLU C 370 -7.19 -16.51 31.03
N ASN C 371 -7.84 -15.36 30.92
CA ASN C 371 -8.96 -15.17 30.02
C ASN C 371 -8.54 -15.47 28.57
N ILE C 372 -7.30 -15.12 28.23
CA ILE C 372 -6.84 -15.33 26.86
C ILE C 372 -6.55 -16.80 26.55
N ARG C 373 -5.90 -17.52 27.48
CA ARG C 373 -5.67 -18.96 27.28
C ARG C 373 -7.00 -19.68 27.01
N ARG C 374 -8.00 -19.37 27.84
CA ARG C 374 -9.34 -19.92 27.72
C ARG C 374 -9.99 -19.67 26.35
N VAL C 375 -10.18 -18.40 25.99
CA VAL C 375 -10.86 -18.09 24.73
C VAL C 375 -10.07 -18.51 23.50
N PHE C 376 -8.75 -18.44 23.56
CA PHE C 376 -7.94 -18.91 22.42
C PHE C 376 -8.15 -20.41 22.20
N ASN C 377 -8.30 -21.18 23.28
CA ASN C 377 -8.60 -22.60 23.15
C ASN C 377 -9.99 -22.81 22.57
N ASP C 378 -10.92 -21.93 22.95
CA ASP C 378 -12.28 -21.90 22.40
C ASP C 378 -12.24 -21.80 20.86
N CYS C 379 -11.23 -21.09 20.36
CA CYS C 379 -11.10 -20.84 18.94
C CYS C 379 -10.35 -21.92 18.18
N ARG C 380 -9.32 -22.49 18.82
CA ARG C 380 -8.51 -23.56 18.21
C ARG C 380 -9.44 -24.58 17.57
N ASP C 381 -10.55 -24.79 18.25
CA ASP C 381 -11.65 -25.62 17.78
C ASP C 381 -12.10 -25.18 16.37
N ILE C 382 -12.71 -23.99 16.30
CA ILE C 382 -13.31 -23.49 15.07
C ILE C 382 -12.34 -23.26 13.92
N ILE C 383 -11.12 -22.84 14.24
CA ILE C 383 -10.11 -22.55 13.22
C ILE C 383 -9.79 -23.78 12.38
N GLN C 384 -9.88 -24.95 13.03
CA GLN C 384 -9.62 -26.22 12.35
C GLN C 384 -10.72 -26.39 11.32
N ARG C 385 -11.95 -26.23 11.79
CA ARG C 385 -13.16 -26.36 10.98
C ARG C 385 -13.25 -25.36 9.82
N MET C 386 -12.69 -24.16 10.02
CA MET C 386 -12.67 -23.11 8.99
C MET C 386 -11.63 -23.34 7.89
N HIS C 387 -10.42 -23.74 8.28
CA HIS C 387 -9.37 -24.06 7.30
C HIS C 387 -9.78 -25.31 6.50
N LEU C 388 -10.88 -25.94 6.91
CA LEU C 388 -11.42 -27.11 6.21
C LEU C 388 -12.45 -26.73 5.14
N ARG C 389 -13.26 -25.71 5.41
CA ARG C 389 -14.29 -25.27 4.46
C ARG C 389 -13.66 -24.74 3.18
N GLN C 390 -12.60 -23.96 3.33
CA GLN C 390 -11.91 -23.34 2.19
C GLN C 390 -10.96 -24.32 1.50
N TYR C 391 -10.62 -25.40 2.20
CA TYR C 391 -9.75 -26.42 1.68
C TYR C 391 -10.52 -27.30 0.66
N GLU C 392 -11.85 -27.32 0.78
CA GLU C 392 -12.69 -28.11 -0.10
C GLU C 392 -13.37 -27.31 -1.22
N LEU C 393 -13.92 -26.15 -0.88
CA LEU C 393 -14.57 -25.30 -1.87
C LEU C 393 -13.59 -24.25 -2.39
C1 FKP D . 8.96 -2.19 -14.96
O2 FKP D . 7.74 -2.88 -15.22
C2 FKP D . 9.69 -1.97 -16.32
C3 FKP D . 8.81 -1.12 -17.29
C4 FKP D . 8.55 0.27 -16.67
C5 FKP D . 7.78 0.06 -15.31
C6 FKP D . 7.41 1.47 -14.68
O3 FKP D . 8.54 2.31 -14.41
C7 FKP D . 6.64 1.18 -13.35
O4 FKP D . 6.29 2.43 -12.73
C8 FKP D . 7.40 0.36 -12.29
O1 FKP D . 6.50 0.17 -11.19
C9 FKP D . 7.74 -0.98 -12.97
O6 FKP D . 6.50 -1.60 -13.32
C10 FKP D . 8.64 -0.84 -14.28
C11 FKP D . 8.42 -1.85 -11.87
O7 FKP D . 9.28 -2.67 -12.15
C12 FKP D . 8.02 -1.65 -10.39
C13 FKP D . 6.84 -0.68 -10.08
C14 FKP D . 5.63 -1.48 -9.73
C15 FKP D . 4.72 -1.83 -10.64
C16 FKP D . 7.16 0.18 -8.85
C17 FKP D . 8.58 1.23 -11.80
C18 FKP D . 7.68 1.01 -17.69
C19 FKP D . 9.91 0.96 -16.70
C20 FKP D . 10.01 -0.19 -13.94
C21 FKP D . 5.52 3.25 -13.45
O5 FKP D . 4.47 2.87 -13.94
C22 FKP D . 6.06 4.68 -13.64
C23 FKP D . 7.30 4.90 -14.58
C24 FKP D . 7.00 4.61 -16.10
C25 FKP D . 7.82 5.48 -17.11
N1 FKP D . 8.75 4.68 -17.98
C26 FKP D . 10.14 5.07 -17.60
C27 FKP D . 11.21 4.45 -18.55
N2 FKP D . 10.99 4.85 -19.95
C28 FKP D . 9.65 4.37 -20.37
C29 FKP D . 8.50 4.93 -19.46
C30 FKP D . 12.09 4.30 -20.75
MG MG E . 0.00 -2.77 17.72
PG GSP F . -2.07 -0.25 17.25
O3B GSP F . -2.73 -0.65 18.73
S1G GSP F . -1.81 1.62 17.40
O2G GSP F . -0.83 -1.07 17.11
O3G GSP F . -3.12 -0.52 16.25
PB GSP F . -3.13 -2.12 19.22
O1B GSP F . -4.44 -2.44 18.61
O2B GSP F . -1.98 -3.01 18.98
PA GSP F . -2.28 -2.29 21.96
O1A GSP F . -2.17 -3.75 22.01
O2A GSP F . -1.10 -1.41 21.83
O3A GSP F . -3.36 -1.96 20.82
O5' GSP F . -3.09 -1.88 23.25
C5' GSP F . -2.89 -0.55 23.75
C4' GSP F . -2.93 -0.55 25.25
O4' GSP F . -4.19 -1.10 25.66
C3' GSP F . -1.83 -1.48 25.76
O3' GSP F . -0.84 -0.62 26.31
C2' GSP F . -2.51 -2.38 26.80
O2' GSP F . -2.21 -1.97 28.13
C1' GSP F . -3.95 -1.94 26.78
N9 GSP F . -4.88 -3.06 26.81
C8 GSP F . -5.10 -3.96 25.82
N7 GSP F . -6.04 -4.80 26.10
C5 GSP F . -6.49 -4.43 27.37
C6 GSP F . -7.52 -5.00 28.16
O6 GSP F . -8.34 -5.85 27.81
N1 GSP F . -7.63 -4.36 29.36
C2 GSP F . -6.87 -3.29 29.75
N2 GSP F . -7.15 -2.80 30.93
N3 GSP F . -5.90 -2.73 29.00
C4 GSP F . -5.77 -3.37 27.81
#